data_7XT6
#
_entry.id   7XT6
#
_cell.length_a   1.00
_cell.length_b   1.00
_cell.length_c   1.00
_cell.angle_alpha   90.00
_cell.angle_beta   90.00
_cell.angle_gamma   90.00
#
_symmetry.space_group_name_H-M   'P 1'
#
loop_
_entity.id
_entity.type
_entity.pdbx_description
1 polymer 'B-cell antigen receptor complex-associated protein alpha chain'
2 polymer 'Isoform 2 of Immunoglobulin heavy constant mu'
3 polymer 'B-cell antigen receptor complex-associated protein beta chain'
4 branched 2-acetamido-2-deoxy-beta-D-glucopyranose-(1-2)-alpha-D-mannopyranose-(1-3)-beta-D-mannopyranose-(1-4)-2-acetamido-2-deoxy-beta-D-glucopyranose-(1-4)-2-acetamido-2-deoxy-beta-D-glucopyranose
5 branched alpha-D-mannopyranose-(1-3)-beta-D-mannopyranose-(1-4)-2-acetamido-2-deoxy-beta-D-glucopyranose-(1-4)-2-acetamido-2-deoxy-beta-D-glucopyranose
6 non-polymer 2-acetamido-2-deoxy-beta-D-glucopyranose
#
loop_
_entity_poly.entity_id
_entity_poly.type
_entity_poly.pdbx_seq_one_letter_code
_entity_poly.pdbx_strand_id
1 'polypeptide(L)'
;LWMHKVPASLMVSLGEDAHFQCPHNSSNNANVTWWRVLHGNYTWPPEFLGPGEDPNGTLIIQNVNKSHGGIYVCRVQEGN
ESYQQSCGTYLRVRQPPPRPFLDMGEGTKNRIITAEGIILLFCAVVPGTLLLFRKRW
;
A
2 'polypeptide(L)'
;LPPKVSVFVPPRDGFFGNPRKSKLICQATGFSPRQIQVSWLREGKQVGSGVTTDQVQAEAKESGPTTYKVTSTLTIKESD
WLGQSMFTCRVDHRGLTFQQNASSMCVPDQDTAIRVFAIPPSFASIFLTKSTKLTCLVTDLTTYDSVTISWTRQNGEAVK
THTNISESHPNATFSAVGEASICEDDWNSGERFTCTVTHTDLPSPLKQTISRPKGVALHRPDVYLLPPAREQLNLRESAT
ITCLVTGFSPADVFVQWMQRGQPLSPEKYVTSAPMPEPQAPGRYFAHSILTVSEEEWNTGETYTCVVAHEALPNRVTERT
VDKSTEGEVSADEEGFENLWATASTFIVLFLLSLFYSTTVTLFK
;
B,D
3 'polypeptide(L)'
;SRIWQSPRFIARKRGFTVKMHCYMNSASGNVSWLWKQEMDENPQQLKLEKGRMEESQNESLATLTIQGIRFEDNGIYFCQ
QKCNNTSEVYQGCGTELRVMGFSTLAQLKQRNTLKDGIIMIQTLLIILFIIVPIFLLLD
;
C
#
loop_
_chem_comp.id
_chem_comp.type
_chem_comp.name
_chem_comp.formula
BMA D-saccharide, beta linking beta-D-mannopyranose 'C6 H12 O6'
MAN D-saccharide, alpha linking alpha-D-mannopyranose 'C6 H12 O6'
NAG D-saccharide, beta linking 2-acetamido-2-deoxy-beta-D-glucopyranose 'C8 H15 N O6'
#
# COMPACT_ATOMS: atom_id res chain seq x y z
N LEU A 1 13.48 1.27 42.02
CA LEU A 1 12.17 1.13 42.64
C LEU A 1 11.67 -0.31 42.50
N TRP A 2 10.35 -0.48 42.54
CA TRP A 2 9.77 -1.81 42.34
C TRP A 2 9.49 -2.12 40.88
N MET A 3 9.65 -1.14 39.99
CA MET A 3 9.44 -1.32 38.55
C MET A 3 10.57 -2.09 37.88
N HIS A 4 11.50 -2.63 38.68
CA HIS A 4 12.59 -3.43 38.16
C HIS A 4 12.63 -4.85 38.71
N LYS A 5 11.77 -5.18 39.67
CA LYS A 5 11.85 -6.48 40.33
C LYS A 5 11.30 -7.60 39.47
N VAL A 6 10.39 -7.30 38.56
CA VAL A 6 9.72 -8.36 37.79
C VAL A 6 10.74 -9.06 36.90
N PRO A 7 10.60 -10.36 36.64
CA PRO A 7 11.57 -11.06 35.79
C PRO A 7 11.49 -10.64 34.34
N ALA A 8 12.30 -11.26 33.48
CA ALA A 8 12.35 -10.87 32.08
C ALA A 8 11.85 -11.96 31.14
N SER A 9 11.47 -13.12 31.64
CA SER A 9 10.91 -14.18 30.81
C SER A 9 10.11 -15.14 31.68
N LEU A 10 9.29 -15.95 31.01
CA LEU A 10 8.50 -16.98 31.71
C LEU A 10 8.41 -18.19 30.81
N MET A 11 8.48 -19.38 31.41
CA MET A 11 8.55 -20.63 30.67
C MET A 11 7.30 -21.45 30.94
N VAL A 12 6.52 -21.71 29.88
CA VAL A 12 5.30 -22.50 29.97
C VAL A 12 5.20 -23.40 28.74
N SER A 13 4.50 -24.51 28.87
CA SER A 13 4.10 -25.37 27.78
C SER A 13 2.62 -25.18 27.49
N LEU A 14 2.21 -25.53 26.26
CA LEU A 14 0.85 -25.21 25.83
C LEU A 14 -0.18 -25.98 26.65
N GLY A 15 -1.30 -25.33 26.90
CA GLY A 15 -2.39 -25.92 27.65
C GLY A 15 -2.28 -25.75 29.15
N GLU A 16 -1.19 -25.18 29.65
CA GLU A 16 -1.00 -24.99 31.08
C GLU A 16 -1.42 -23.58 31.47
N ASP A 17 -1.16 -23.21 32.73
CA ASP A 17 -1.53 -21.91 33.26
C ASP A 17 -0.27 -21.22 33.78
N ALA A 18 -0.06 -19.98 33.37
CA ALA A 18 1.07 -19.18 33.82
C ALA A 18 0.68 -18.33 35.01
N HIS A 19 1.68 -17.82 35.71
CA HIS A 19 1.47 -16.98 36.88
C HIS A 19 2.33 -15.74 36.79
N PHE A 20 1.70 -14.58 36.91
CA PHE A 20 2.39 -13.30 36.99
C PHE A 20 2.08 -12.67 38.34
N GLN A 21 2.68 -11.50 38.59
CA GLN A 21 2.36 -10.74 39.79
C GLN A 21 2.87 -9.32 39.64
N CYS A 22 2.23 -8.40 40.34
CA CYS A 22 2.59 -6.98 40.32
C CYS A 22 2.67 -6.48 41.76
N PRO A 23 3.87 -6.30 42.32
CA PRO A 23 3.97 -5.99 43.76
C PRO A 23 3.61 -4.54 44.08
N HIS A 24 2.33 -4.30 44.32
CA HIS A 24 1.81 -2.99 44.73
C HIS A 24 2.51 -2.44 45.96
N ASN A 25 2.47 -1.11 46.14
CA ASN A 25 2.98 -0.47 47.34
C ASN A 25 1.98 0.45 48.03
N SER A 26 0.79 0.65 47.46
CA SER A 26 -0.24 1.47 48.09
C SER A 26 -1.22 0.56 48.83
N SER A 27 -1.52 0.91 50.08
CA SER A 27 -2.09 -0.02 51.05
C SER A 27 -3.54 -0.34 50.72
N ASN A 28 -3.70 -1.25 49.74
CA ASN A 28 -5.00 -1.86 49.43
C ASN A 28 -6.07 -0.80 49.15
N ASN A 29 -5.69 0.25 48.44
CA ASN A 29 -6.62 1.26 47.98
C ASN A 29 -6.40 1.61 46.52
N ALA A 30 -5.54 0.87 45.82
CA ALA A 30 -5.14 1.18 44.45
C ALA A 30 -5.93 0.31 43.47
N ASN A 31 -5.56 0.41 42.20
CA ASN A 31 -6.22 -0.27 41.11
C ASN A 31 -5.16 -0.94 40.25
N VAL A 32 -5.37 -2.21 39.90
CA VAL A 32 -4.41 -2.99 39.15
C VAL A 32 -5.07 -3.47 37.86
N THR A 33 -4.43 -3.17 36.73
CA THR A 33 -4.87 -3.63 35.42
C THR A 33 -3.70 -4.24 34.68
N TRP A 34 -3.98 -5.23 33.84
CA TRP A 34 -2.96 -5.93 33.08
C TRP A 34 -3.17 -5.67 31.60
N TRP A 35 -2.09 -5.32 30.90
CA TRP A 35 -2.14 -4.97 29.49
C TRP A 35 -1.17 -5.84 28.72
N ARG A 36 -1.28 -5.82 27.40
CA ARG A 36 -0.39 -6.55 26.51
C ARG A 36 0.14 -5.57 25.47
N VAL A 37 1.45 -5.38 25.44
CA VAL A 37 2.06 -4.27 24.74
C VAL A 37 2.89 -4.78 23.57
N LEU A 38 3.09 -3.91 22.59
CA LEU A 38 3.82 -4.21 21.37
C LEU A 38 5.31 -3.97 21.59
N HIS A 39 6.06 -3.88 20.49
CA HIS A 39 7.52 -3.81 20.53
C HIS A 39 8.03 -2.69 21.42
N GLY A 40 7.74 -1.45 21.06
CA GLY A 40 8.29 -0.30 21.75
C GLY A 40 8.32 0.92 20.84
N ASN A 41 7.94 2.07 21.38
CA ASN A 41 7.57 3.23 20.56
C ASN A 41 6.54 2.82 19.51
N TYR A 42 5.59 2.00 19.92
CA TYR A 42 4.60 1.46 19.03
C TYR A 42 3.64 2.55 18.58
N THR A 43 2.79 2.21 17.61
CA THR A 43 1.76 3.11 17.13
C THR A 43 0.34 2.61 17.38
N TRP A 44 0.12 1.31 17.33
CA TRP A 44 -1.21 0.79 17.64
C TRP A 44 -1.45 0.86 19.16
N PRO A 45 -2.66 1.20 19.58
CA PRO A 45 -2.92 1.31 21.01
C PRO A 45 -2.78 -0.03 21.69
N PRO A 46 -2.35 -0.05 22.96
CA PRO A 46 -2.36 -1.31 23.71
C PRO A 46 -3.77 -1.72 24.07
N GLU A 47 -3.92 -3.00 24.41
CA GLU A 47 -5.23 -3.59 24.67
C GLU A 47 -5.38 -3.91 26.15
N PHE A 48 -6.62 -3.85 26.62
CA PHE A 48 -6.93 -4.12 28.02
C PHE A 48 -7.25 -5.59 28.19
N LEU A 49 -6.46 -6.28 29.02
CA LEU A 49 -6.57 -7.72 29.16
C LEU A 49 -7.47 -8.15 30.31
N GLY A 50 -7.15 -7.75 31.54
CA GLY A 50 -7.93 -8.16 32.67
C GLY A 50 -7.57 -7.41 33.94
N PRO A 51 -8.48 -7.40 34.91
CA PRO A 51 -8.21 -6.71 36.18
C PRO A 51 -7.58 -7.62 37.22
N GLY A 52 -7.30 -7.08 38.41
CA GLY A 52 -6.75 -7.88 39.48
C GLY A 52 -7.75 -8.91 39.97
N GLU A 53 -7.46 -10.19 39.71
CA GLU A 53 -8.42 -11.26 39.96
C GLU A 53 -8.55 -11.62 41.44
N ASP A 54 -7.48 -11.50 42.20
CA ASP A 54 -7.49 -11.85 43.61
C ASP A 54 -6.90 -10.69 44.38
N PRO A 55 -7.12 -10.62 45.70
CA PRO A 55 -6.65 -9.45 46.46
C PRO A 55 -5.16 -9.20 46.37
N ASN A 56 -4.34 -10.21 46.13
CA ASN A 56 -2.89 -10.04 46.23
C ASN A 56 -2.24 -9.68 44.89
N GLY A 57 -3.01 -9.57 43.81
CA GLY A 57 -2.52 -9.03 42.57
C GLY A 57 -1.98 -10.02 41.56
N THR A 58 -2.60 -11.19 41.41
CA THR A 58 -2.09 -12.22 40.52
C THR A 58 -3.00 -12.38 39.30
N LEU A 59 -2.38 -12.49 38.12
CA LEU A 59 -3.08 -12.76 36.88
C LEU A 59 -2.80 -14.19 36.45
N ILE A 60 -3.84 -14.91 36.04
CA ILE A 60 -3.73 -16.29 35.61
C ILE A 60 -4.31 -16.41 34.21
N ILE A 61 -3.54 -17.01 33.30
CA ILE A 61 -3.95 -17.21 31.91
C ILE A 61 -3.94 -18.69 31.59
N GLN A 62 -5.00 -19.16 30.95
CA GLN A 62 -5.16 -20.57 30.60
C GLN A 62 -5.32 -20.70 29.09
N ASN A 63 -5.37 -21.96 28.63
CA ASN A 63 -5.56 -22.29 27.22
C ASN A 63 -4.45 -21.69 26.36
N VAL A 64 -3.22 -22.14 26.62
CA VAL A 64 -2.04 -21.60 25.94
C VAL A 64 -1.97 -22.17 24.53
N ASN A 65 -1.78 -21.30 23.55
CA ASN A 65 -1.62 -21.72 22.16
C ASN A 65 -0.40 -21.03 21.56
N LYS A 66 -0.21 -21.18 20.25
CA LYS A 66 0.98 -20.62 19.61
C LYS A 66 0.95 -19.10 19.57
N SER A 67 -0.24 -18.51 19.48
CA SER A 67 -0.37 -17.06 19.31
C SER A 67 -0.47 -16.32 20.63
N HIS A 68 0.11 -16.87 21.70
CA HIS A 68 0.04 -16.22 23.01
C HIS A 68 1.42 -15.76 23.47
N GLY A 69 2.21 -15.18 22.56
CA GLY A 69 3.43 -14.51 22.92
C GLY A 69 3.20 -13.04 23.22
N GLY A 70 4.30 -12.34 23.46
CA GLY A 70 4.26 -10.90 23.63
C GLY A 70 4.47 -10.49 25.08
N ILE A 71 4.67 -9.19 25.25
CA ILE A 71 5.01 -8.59 26.54
C ILE A 71 3.73 -8.35 27.33
N TYR A 72 3.75 -8.70 28.62
CA TYR A 72 2.63 -8.45 29.51
C TYR A 72 3.04 -7.47 30.59
N VAL A 73 2.29 -6.38 30.72
CA VAL A 73 2.68 -5.24 31.55
C VAL A 73 1.58 -4.97 32.56
N CYS A 74 1.95 -4.79 33.82
CA CYS A 74 1.01 -4.43 34.87
C CYS A 74 1.04 -2.93 35.10
N ARG A 75 -0.12 -2.30 35.12
CA ARG A 75 -0.25 -0.86 35.29
C ARG A 75 -1.13 -0.58 36.49
N VAL A 76 -0.61 0.18 37.45
CA VAL A 76 -1.28 0.46 38.70
C VAL A 76 -1.38 1.98 38.89
N GLN A 77 -2.56 2.45 39.26
CA GLN A 77 -2.78 3.86 39.55
C GLN A 77 -3.59 3.97 40.83
N GLU A 78 -3.39 5.09 41.54
CA GLU A 78 -4.03 5.34 42.83
C GLU A 78 -4.97 6.53 42.66
N GLY A 79 -6.25 6.25 42.39
CA GLY A 79 -7.25 7.29 42.30
C GLY A 79 -7.02 8.30 41.19
N ASN A 80 -6.73 9.54 41.57
CA ASN A 80 -6.60 10.64 40.63
C ASN A 80 -5.17 10.86 40.16
N GLU A 81 -4.21 10.08 40.65
CA GLU A 81 -2.82 10.30 40.32
C GLU A 81 -2.47 9.63 38.99
N SER A 82 -1.24 9.85 38.52
CA SER A 82 -0.75 9.20 37.32
C SER A 82 -0.42 7.75 37.62
N TYR A 83 -0.51 6.92 36.58
CA TYR A 83 -0.28 5.50 36.74
C TYR A 83 1.22 5.19 36.85
N GLN A 84 1.53 4.09 37.52
CA GLN A 84 2.86 3.54 37.55
C GLN A 84 2.86 2.19 36.83
N GLN A 85 3.84 2.00 35.96
CA GLN A 85 3.83 0.90 35.01
C GLN A 85 5.20 0.24 34.95
N SER A 86 5.24 -1.07 35.12
CA SER A 86 6.48 -1.83 35.00
C SER A 86 6.85 -1.96 33.52
N CYS A 87 7.94 -2.67 33.24
CA CYS A 87 8.37 -2.84 31.86
C CYS A 87 8.23 -4.26 31.35
N GLY A 88 7.43 -5.09 32.02
CA GLY A 88 6.87 -6.28 31.41
C GLY A 88 7.65 -7.55 31.73
N THR A 89 7.06 -8.66 31.28
CA THR A 89 7.63 -10.00 31.43
C THR A 89 7.38 -10.75 30.13
N TYR A 90 8.38 -10.77 29.26
CA TYR A 90 8.25 -11.43 27.97
C TYR A 90 7.89 -12.90 28.15
N LEU A 91 6.96 -13.40 27.34
CA LEU A 91 6.48 -14.77 27.47
C LEU A 91 6.87 -15.57 26.22
N ARG A 92 7.53 -16.71 26.43
CA ARG A 92 7.97 -17.59 25.36
C ARG A 92 7.45 -18.98 25.63
N VAL A 93 6.87 -19.61 24.61
CA VAL A 93 6.18 -20.88 24.81
C VAL A 93 6.56 -21.93 23.75
N ARG A 94 6.89 -23.13 24.22
CA ARG A 94 6.93 -24.34 23.39
C ARG A 94 6.97 -25.55 24.31
N GLN A 95 6.03 -26.46 24.12
CA GLN A 95 5.73 -27.64 24.94
C GLN A 95 6.64 -28.85 24.83
N PRO A 96 7.17 -29.19 23.64
CA PRO A 96 7.54 -30.60 23.36
C PRO A 96 8.56 -31.22 24.32
N PRO A 97 9.63 -30.54 24.71
CA PRO A 97 10.90 -31.24 25.09
C PRO A 97 10.67 -32.50 25.90
N PRO A 98 11.18 -33.65 25.43
CA PRO A 98 10.83 -34.95 26.02
C PRO A 98 11.66 -35.40 27.21
N ARG A 99 11.34 -36.61 27.70
CA ARG A 99 11.82 -37.23 28.93
C ARG A 99 13.20 -37.89 28.87
N PRO A 100 13.48 -38.71 27.84
CA PRO A 100 14.33 -39.90 28.02
C PRO A 100 15.55 -39.78 28.92
N PHE A 101 15.61 -40.67 29.92
CA PHE A 101 16.77 -40.89 30.76
C PHE A 101 17.30 -39.59 31.36
N LEU A 102 16.51 -38.96 32.21
CA LEU A 102 16.77 -37.62 32.74
C LEU A 102 18.03 -37.55 33.58
N ASP A 103 18.54 -38.71 34.01
CA ASP A 103 19.66 -38.74 34.96
C ASP A 103 20.87 -37.94 34.48
N MET A 104 21.27 -38.13 33.22
CA MET A 104 22.43 -37.44 32.68
C MET A 104 22.13 -36.96 31.27
N GLY A 105 22.73 -35.81 30.93
CA GLY A 105 22.68 -35.29 29.58
C GLY A 105 23.90 -35.69 28.78
N GLU A 106 24.05 -35.14 27.58
CA GLU A 106 25.19 -35.47 26.73
C GLU A 106 26.49 -35.04 27.39
N GLY A 107 26.41 -34.10 28.34
CA GLY A 107 27.59 -33.66 29.04
C GLY A 107 28.24 -34.71 29.93
N THR A 108 27.53 -35.79 30.21
CA THR A 108 28.06 -36.86 31.05
C THR A 108 28.20 -38.18 30.32
N LYS A 109 27.30 -38.49 29.38
CA LYS A 109 27.32 -39.79 28.72
C LYS A 109 28.62 -40.02 27.97
N ASN A 110 29.14 -38.99 27.31
CA ASN A 110 30.40 -39.14 26.58
C ASN A 110 31.54 -39.49 27.51
N ARG A 111 31.60 -38.83 28.68
CA ARG A 111 32.68 -39.07 29.62
C ARG A 111 32.65 -40.50 30.14
N ILE A 112 31.48 -40.99 30.51
CA ILE A 112 31.43 -42.36 31.03
C ILE A 112 31.61 -43.36 29.90
N ILE A 113 31.24 -43.01 28.67
CA ILE A 113 31.54 -43.88 27.53
C ILE A 113 33.04 -44.05 27.38
N THR A 114 33.78 -42.93 27.40
CA THR A 114 35.23 -43.03 27.22
C THR A 114 35.89 -43.75 28.39
N ALA A 115 35.41 -43.51 29.61
CA ALA A 115 35.95 -44.21 30.77
C ALA A 115 35.69 -45.71 30.69
N GLU A 116 34.47 -46.09 30.30
CA GLU A 116 34.15 -47.51 30.17
C GLU A 116 34.99 -48.16 29.08
N GLY A 117 35.22 -47.44 27.98
CA GLY A 117 36.06 -48.00 26.92
C GLY A 117 37.48 -48.24 27.37
N ILE A 118 38.10 -47.25 28.03
CA ILE A 118 39.49 -47.44 28.45
C ILE A 118 39.58 -48.53 29.51
N ILE A 119 38.60 -48.58 30.42
CA ILE A 119 38.62 -49.62 31.46
C ILE A 119 38.45 -51.00 30.83
N LEU A 120 37.59 -51.11 29.81
CA LEU A 120 37.41 -52.39 29.13
C LEU A 120 38.70 -52.83 28.45
N LEU A 121 39.39 -51.90 27.77
CA LEU A 121 40.66 -52.28 27.16
C LEU A 121 41.65 -52.72 28.24
N PHE A 122 41.71 -52.00 29.35
CA PHE A 122 42.63 -52.36 30.43
C PHE A 122 42.33 -53.75 30.97
N CYS A 123 41.05 -54.08 31.15
CA CYS A 123 40.66 -55.34 31.76
C CYS A 123 40.59 -56.51 30.79
N ALA A 124 40.63 -56.26 29.48
CA ALA A 124 40.56 -57.35 28.51
C ALA A 124 41.91 -57.74 27.93
N VAL A 125 43.01 -57.35 28.56
CA VAL A 125 44.36 -57.71 28.12
C VAL A 125 45.00 -58.74 29.05
N VAL A 126 44.89 -58.53 30.37
CA VAL A 126 45.48 -59.47 31.32
C VAL A 126 44.90 -60.88 31.20
N PRO A 127 43.58 -61.08 30.98
CA PRO A 127 43.10 -62.47 30.92
C PRO A 127 43.71 -63.28 29.80
N GLY A 128 43.87 -62.67 28.61
CA GLY A 128 44.49 -63.39 27.51
C GLY A 128 45.92 -63.76 27.80
N THR A 129 46.69 -62.83 28.37
CA THR A 129 48.08 -63.12 28.72
C THR A 129 48.16 -64.24 29.75
N LEU A 130 47.30 -64.19 30.77
CA LEU A 130 47.31 -65.23 31.78
C LEU A 130 46.91 -66.58 31.21
N LEU A 131 45.94 -66.60 30.29
CA LEU A 131 45.51 -67.86 29.69
C LEU A 131 46.59 -68.44 28.78
N LEU A 132 47.32 -67.58 28.06
CA LEU A 132 48.28 -68.06 27.09
C LEU A 132 49.63 -68.41 27.70
N PHE A 133 50.27 -67.47 28.41
CA PHE A 133 51.62 -67.69 28.91
C PHE A 133 51.68 -68.71 30.03
N ARG A 134 50.55 -69.06 30.66
CA ARG A 134 50.53 -70.06 31.70
C ARG A 134 50.17 -71.45 31.18
N LYS A 135 50.04 -71.60 29.86
CA LYS A 135 49.71 -72.88 29.25
C LYS A 135 50.94 -73.61 28.72
N ARG A 136 51.85 -72.90 28.05
CA ARG A 136 53.07 -73.53 27.56
C ARG A 136 53.94 -74.04 28.70
N TRP A 137 54.06 -73.27 29.76
CA TRP A 137 54.84 -73.67 30.92
C TRP A 137 53.97 -74.32 31.99
N LEU B 1 -16.60 58.28 -15.50
CA LEU B 1 -16.59 57.00 -14.83
C LEU B 1 -16.70 55.85 -15.82
N PRO B 2 -15.70 54.97 -15.84
CA PRO B 2 -15.76 53.80 -16.73
C PRO B 2 -16.80 52.81 -16.25
N PRO B 3 -17.83 52.55 -17.04
CA PRO B 3 -18.92 51.67 -16.62
C PRO B 3 -18.53 50.20 -16.80
N LYS B 4 -19.44 49.32 -16.37
CA LYS B 4 -19.29 47.88 -16.54
C LYS B 4 -20.09 47.48 -17.77
N VAL B 5 -19.39 47.13 -18.85
CA VAL B 5 -20.02 46.78 -20.11
C VAL B 5 -20.38 45.31 -20.08
N SER B 6 -21.66 45.00 -20.30
CA SER B 6 -22.15 43.63 -20.31
C SER B 6 -23.10 43.45 -21.49
N VAL B 7 -23.01 42.30 -22.15
CA VAL B 7 -23.88 41.94 -23.26
C VAL B 7 -24.59 40.65 -22.91
N PHE B 8 -25.90 40.62 -23.12
CA PHE B 8 -26.74 39.49 -22.71
C PHE B 8 -27.34 38.85 -23.96
N VAL B 9 -26.71 37.76 -24.42
CA VAL B 9 -27.16 37.07 -25.63
C VAL B 9 -28.45 36.31 -25.34
N PRO B 10 -29.34 36.18 -26.32
CA PRO B 10 -30.57 35.42 -26.10
C PRO B 10 -30.30 33.93 -26.23
N PRO B 11 -31.21 33.08 -25.74
CA PRO B 11 -31.11 31.65 -26.05
C PRO B 11 -31.51 31.39 -27.49
N ARG B 12 -31.20 30.18 -27.95
CA ARG B 12 -31.45 29.83 -29.34
C ARG B 12 -32.93 29.81 -29.69
N ASP B 13 -33.79 29.38 -28.76
CA ASP B 13 -35.21 29.21 -29.08
C ASP B 13 -35.94 30.54 -29.20
N GLY B 14 -35.47 31.58 -28.52
CA GLY B 14 -36.19 32.84 -28.47
C GLY B 14 -36.12 33.65 -29.74
N PHE B 15 -36.75 33.17 -30.81
CA PHE B 15 -36.75 33.84 -32.11
C PHE B 15 -38.19 34.12 -32.54
N PHE B 16 -38.36 35.17 -33.35
CA PHE B 16 -39.68 35.57 -33.83
C PHE B 16 -39.53 36.33 -35.13
N GLY B 17 -40.38 36.01 -36.10
CA GLY B 17 -40.46 36.72 -37.36
C GLY B 17 -40.35 35.78 -38.54
N ASN B 18 -40.32 36.36 -39.73
CA ASN B 18 -40.18 35.61 -40.98
C ASN B 18 -39.37 36.44 -41.95
N PRO B 19 -38.03 36.31 -41.93
CA PRO B 19 -37.22 35.41 -41.09
C PRO B 19 -37.22 35.81 -39.62
N ARG B 20 -37.01 34.85 -38.72
CA ARG B 20 -37.11 35.12 -37.30
C ARG B 20 -36.01 36.09 -36.85
N LYS B 21 -36.35 36.94 -35.89
CA LYS B 21 -35.46 38.00 -35.43
C LYS B 21 -35.41 38.02 -33.91
N SER B 22 -34.27 38.50 -33.39
CA SER B 22 -34.09 38.67 -31.97
C SER B 22 -33.28 39.94 -31.74
N LYS B 23 -32.92 40.20 -30.49
CA LYS B 23 -32.23 41.43 -30.12
C LYS B 23 -31.10 41.12 -29.15
N LEU B 24 -30.15 42.06 -29.11
CA LEU B 24 -29.09 42.07 -28.10
C LEU B 24 -29.23 43.33 -27.27
N ILE B 25 -28.98 43.22 -25.96
CA ILE B 25 -28.93 44.38 -25.09
C ILE B 25 -27.49 44.59 -24.65
N CYS B 26 -26.91 45.71 -25.06
CA CYS B 26 -25.56 46.10 -24.66
C CYS B 26 -25.61 47.10 -23.51
N GLN B 27 -26.14 46.64 -22.38
CA GLN B 27 -26.37 47.50 -21.23
C GLN B 27 -25.07 47.71 -20.47
N ALA B 28 -24.52 48.91 -20.59
CA ALA B 28 -23.33 49.33 -19.85
C ALA B 28 -23.72 50.55 -19.02
N THR B 29 -23.97 50.35 -17.74
CA THR B 29 -24.46 51.40 -16.86
C THR B 29 -23.47 51.64 -15.72
N GLY B 30 -23.84 52.56 -14.83
CA GLY B 30 -22.98 52.93 -13.72
C GLY B 30 -21.85 53.84 -14.15
N PHE B 31 -22.19 54.96 -14.79
CA PHE B 31 -21.18 55.83 -15.37
C PHE B 31 -21.62 57.28 -15.25
N SER B 32 -20.64 58.18 -15.35
CA SER B 32 -20.86 59.61 -15.35
C SER B 32 -19.62 60.27 -15.95
N PRO B 33 -19.76 61.39 -16.66
CA PRO B 33 -20.98 62.15 -16.96
C PRO B 33 -21.78 61.65 -18.16
N ARG B 34 -22.60 62.54 -18.73
CA ARG B 34 -23.56 62.15 -19.76
C ARG B 34 -22.87 61.67 -21.03
N GLN B 35 -21.72 62.25 -21.37
CA GLN B 35 -21.11 62.01 -22.67
C GLN B 35 -20.85 60.53 -22.90
N ILE B 36 -21.24 60.06 -24.08
CA ILE B 36 -21.13 58.64 -24.43
C ILE B 36 -21.21 58.52 -25.94
N GLN B 37 -20.46 57.57 -26.50
CA GLN B 37 -20.51 57.25 -27.93
C GLN B 37 -20.54 55.74 -28.06
N VAL B 38 -21.68 55.20 -28.50
CA VAL B 38 -21.87 53.76 -28.59
C VAL B 38 -21.84 53.34 -30.06
N SER B 39 -21.04 52.32 -30.36
CA SER B 39 -20.95 51.77 -31.70
C SER B 39 -21.16 50.27 -31.62
N TRP B 40 -22.25 49.79 -32.21
CA TRP B 40 -22.55 48.36 -32.24
C TRP B 40 -21.98 47.77 -33.52
N LEU B 41 -20.70 47.44 -33.47
CA LEU B 41 -19.94 47.02 -34.65
C LEU B 41 -20.16 45.53 -34.90
N ARG B 42 -21.04 45.22 -35.85
CA ARG B 42 -21.18 43.84 -36.30
C ARG B 42 -20.03 43.50 -37.25
N GLU B 43 -19.34 42.39 -36.96
CA GLU B 43 -18.13 41.99 -37.69
C GLU B 43 -17.13 43.15 -37.76
N GLY B 44 -17.12 44.01 -36.74
CA GLY B 44 -16.31 45.21 -36.77
C GLY B 44 -16.87 46.35 -37.57
N LYS B 45 -18.11 46.24 -38.05
CA LYS B 45 -18.74 47.27 -38.87
C LYS B 45 -20.08 47.67 -38.26
N GLN B 46 -20.34 48.97 -38.22
CA GLN B 46 -21.56 49.47 -37.61
C GLN B 46 -22.77 49.17 -38.48
N VAL B 47 -23.91 48.94 -37.83
CA VAL B 47 -25.18 48.72 -38.51
C VAL B 47 -26.00 49.99 -38.44
N GLY B 48 -26.59 50.37 -39.56
CA GLY B 48 -27.37 51.59 -39.63
C GLY B 48 -28.86 51.40 -39.44
N SER B 49 -29.29 50.14 -39.32
CA SER B 49 -30.70 49.81 -39.19
C SER B 49 -30.92 48.99 -37.92
N GLY B 50 -31.88 49.40 -37.10
CA GLY B 50 -32.28 48.65 -35.93
C GLY B 50 -31.51 48.97 -34.66
N VAL B 51 -30.46 49.78 -34.74
CA VAL B 51 -29.69 50.15 -33.56
C VAL B 51 -30.45 51.23 -32.81
N THR B 52 -30.94 50.92 -31.61
CA THR B 52 -31.74 51.83 -30.82
C THR B 52 -30.97 52.16 -29.54
N THR B 53 -30.15 53.21 -29.61
CA THR B 53 -29.41 53.70 -28.46
C THR B 53 -30.26 54.77 -27.78
N ASP B 54 -30.83 54.43 -26.62
CA ASP B 54 -31.76 55.32 -25.95
C ASP B 54 -31.01 56.46 -25.27
N GLN B 55 -31.76 57.36 -24.65
CA GLN B 55 -31.18 58.54 -24.03
C GLN B 55 -30.39 58.16 -22.78
N VAL B 56 -29.47 59.04 -22.40
CA VAL B 56 -28.63 58.81 -21.22
C VAL B 56 -29.40 59.26 -19.98
N GLN B 57 -30.19 58.35 -19.41
CA GLN B 57 -30.98 58.65 -18.24
C GLN B 57 -30.10 58.70 -17.00
N ALA B 58 -30.39 59.65 -16.11
CA ALA B 58 -29.59 59.84 -14.90
C ALA B 58 -29.88 58.72 -13.92
N GLU B 59 -28.83 58.09 -13.41
CA GLU B 59 -28.95 57.06 -12.39
C GLU B 59 -29.03 57.74 -11.02
N ALA B 60 -30.21 57.72 -10.41
CA ALA B 60 -30.43 58.41 -9.14
C ALA B 60 -29.78 57.61 -8.00
N LYS B 61 -28.46 57.62 -8.01
CA LYS B 61 -27.65 56.98 -6.97
C LYS B 61 -27.38 58.03 -5.89
N GLU B 62 -28.12 57.92 -4.78
CA GLU B 62 -28.01 58.93 -3.73
C GLU B 62 -26.61 58.96 -3.13
N SER B 63 -26.01 57.80 -2.90
CA SER B 63 -24.67 57.73 -2.35
C SER B 63 -23.66 58.25 -3.36
N GLY B 64 -23.09 59.42 -3.10
CA GLY B 64 -22.15 60.03 -4.00
C GLY B 64 -22.83 60.78 -5.12
N PRO B 65 -22.08 61.06 -6.19
CA PRO B 65 -22.65 61.80 -7.32
C PRO B 65 -23.69 60.97 -8.07
N THR B 66 -24.62 61.68 -8.70
CA THR B 66 -25.65 61.04 -9.50
C THR B 66 -25.05 60.62 -10.84
N THR B 67 -24.97 59.31 -11.09
CA THR B 67 -24.38 58.80 -12.31
C THR B 67 -25.47 58.69 -13.40
N TYR B 68 -25.13 58.04 -14.50
CA TYR B 68 -26.03 57.92 -15.64
C TYR B 68 -26.05 56.48 -16.13
N LYS B 69 -27.15 56.11 -16.78
CA LYS B 69 -27.30 54.79 -17.37
C LYS B 69 -27.65 54.91 -18.85
N VAL B 70 -27.25 53.90 -19.61
CA VAL B 70 -27.55 53.82 -21.03
C VAL B 70 -28.11 52.43 -21.32
N THR B 71 -28.85 52.33 -22.42
CA THR B 71 -29.50 51.07 -22.82
C THR B 71 -29.36 50.92 -24.33
N SER B 72 -28.32 50.22 -24.76
CA SER B 72 -28.13 49.94 -26.18
C SER B 72 -28.99 48.74 -26.60
N THR B 73 -29.35 48.72 -27.88
CA THR B 73 -30.13 47.63 -28.43
C THR B 73 -29.74 47.45 -29.90
N LEU B 74 -29.84 46.22 -30.38
CA LEU B 74 -29.55 45.90 -31.77
C LEU B 74 -30.33 44.65 -32.14
N THR B 75 -30.90 44.63 -33.33
CA THR B 75 -31.71 43.50 -33.78
C THR B 75 -31.02 42.78 -34.93
N ILE B 76 -31.12 41.44 -34.91
CA ILE B 76 -30.58 40.59 -35.96
C ILE B 76 -31.61 39.55 -36.34
N LYS B 77 -31.46 39.00 -37.54
CA LYS B 77 -32.32 37.96 -38.03
C LYS B 77 -31.82 36.59 -37.58
N GLU B 78 -32.61 35.56 -37.88
CA GLU B 78 -32.22 34.20 -37.50
C GLU B 78 -30.94 33.78 -38.21
N SER B 79 -30.89 33.96 -39.53
CA SER B 79 -29.69 33.62 -40.28
C SER B 79 -28.49 34.46 -39.84
N ASP B 80 -28.73 35.74 -39.52
CA ASP B 80 -27.66 36.58 -39.02
C ASP B 80 -27.11 36.06 -37.69
N TRP B 81 -28.01 35.61 -36.81
CA TRP B 81 -27.59 35.11 -35.50
C TRP B 81 -26.74 33.86 -35.64
N LEU B 82 -27.18 32.92 -36.49
CA LEU B 82 -26.43 31.69 -36.71
C LEU B 82 -25.28 31.87 -37.68
N GLY B 83 -25.10 33.06 -38.25
CA GLY B 83 -23.97 33.32 -39.11
C GLY B 83 -22.64 33.44 -38.39
N GLN B 84 -22.65 33.34 -37.06
CA GLN B 84 -21.43 33.39 -36.24
C GLN B 84 -20.67 34.70 -36.46
N SER B 85 -21.41 35.80 -36.58
CA SER B 85 -20.80 37.10 -36.70
C SER B 85 -20.41 37.64 -35.33
N MET B 86 -19.33 38.42 -35.30
CA MET B 86 -18.82 39.02 -34.07
C MET B 86 -19.54 40.35 -33.85
N PHE B 87 -20.64 40.31 -33.09
CA PHE B 87 -21.39 41.51 -32.75
C PHE B 87 -20.74 42.20 -31.56
N THR B 88 -19.52 42.68 -31.79
CA THR B 88 -18.73 43.29 -30.73
C THR B 88 -19.32 44.63 -30.31
N CYS B 89 -19.36 44.88 -29.01
CA CYS B 89 -19.79 46.17 -28.49
C CYS B 89 -18.57 47.05 -28.27
N ARG B 90 -18.46 48.13 -29.05
CA ARG B 90 -17.36 49.08 -28.93
C ARG B 90 -17.96 50.45 -28.61
N VAL B 91 -17.82 50.87 -27.36
CA VAL B 91 -18.37 52.14 -26.89
C VAL B 91 -17.22 53.11 -26.68
N ASP B 92 -17.24 54.22 -27.42
CA ASP B 92 -16.24 55.28 -27.28
C ASP B 92 -16.70 56.22 -26.16
N HIS B 93 -16.70 55.68 -24.94
CA HIS B 93 -17.19 56.41 -23.79
C HIS B 93 -16.13 57.38 -23.29
N ARG B 94 -16.48 58.67 -23.26
CA ARG B 94 -15.59 59.72 -22.74
C ARG B 94 -14.24 59.72 -23.45
N GLY B 95 -14.27 59.45 -24.76
CA GLY B 95 -13.04 59.37 -25.53
C GLY B 95 -12.26 58.10 -25.31
N LEU B 96 -12.81 57.12 -24.60
CA LEU B 96 -12.13 55.86 -24.30
C LEU B 96 -12.93 54.72 -24.92
N THR B 97 -12.23 53.82 -25.60
CA THR B 97 -12.88 52.70 -26.27
C THR B 97 -13.02 51.53 -25.30
N PHE B 98 -14.26 51.06 -25.12
CA PHE B 98 -14.55 49.89 -24.30
C PHE B 98 -15.14 48.82 -25.22
N GLN B 99 -14.50 47.66 -25.26
CA GLN B 99 -14.91 46.57 -26.13
C GLN B 99 -15.36 45.37 -25.30
N GLN B 100 -16.41 44.69 -25.78
CA GLN B 100 -16.96 43.52 -25.12
C GLN B 100 -17.33 42.51 -26.20
N ASN B 101 -16.51 41.47 -26.36
CA ASN B 101 -16.73 40.46 -27.39
C ASN B 101 -17.58 39.32 -26.85
N ALA B 102 -18.63 38.98 -27.59
CA ALA B 102 -19.54 37.90 -27.24
C ALA B 102 -19.91 37.11 -28.48
N SER B 103 -20.30 35.85 -28.25
CA SER B 103 -20.74 35.00 -29.35
C SER B 103 -22.18 35.35 -29.74
N SER B 104 -22.76 34.53 -30.61
CA SER B 104 -24.13 34.77 -31.09
C SER B 104 -24.90 33.45 -31.15
N MET B 105 -24.53 32.49 -30.32
CA MET B 105 -25.17 31.19 -30.28
C MET B 105 -24.88 30.56 -28.93
N CYS B 106 -25.38 29.35 -28.74
CA CYS B 106 -25.18 28.61 -27.49
C CYS B 106 -23.84 27.90 -27.57
N VAL B 107 -22.80 28.53 -27.04
CA VAL B 107 -21.43 28.06 -27.22
C VAL B 107 -20.73 27.90 -25.87
N PRO B 108 -20.91 26.78 -25.17
CA PRO B 108 -20.03 26.47 -24.04
C PRO B 108 -18.62 26.19 -24.53
N ASP B 109 -17.68 27.06 -24.19
CA ASP B 109 -16.38 27.12 -24.85
C ASP B 109 -15.32 26.39 -24.04
N GLN B 110 -14.73 25.35 -24.62
CA GLN B 110 -15.27 24.68 -25.80
C GLN B 110 -15.51 23.20 -25.49
N ASP B 111 -14.44 22.52 -25.08
CA ASP B 111 -14.54 21.12 -24.65
C ASP B 111 -13.29 20.81 -23.82
N THR B 112 -13.46 20.70 -22.50
CA THR B 112 -12.32 20.38 -21.64
C THR B 112 -12.84 19.80 -20.34
N ALA B 113 -12.65 18.49 -20.15
CA ALA B 113 -12.91 17.81 -18.89
C ALA B 113 -11.74 16.87 -18.61
N ILE B 114 -11.35 16.77 -17.34
CA ILE B 114 -10.13 16.01 -17.07
C ILE B 114 -10.37 14.81 -16.16
N ARG B 115 -10.66 15.05 -14.88
CA ARG B 115 -10.64 13.98 -13.88
C ARG B 115 -11.20 14.47 -12.55
N VAL B 116 -11.65 13.51 -11.75
CA VAL B 116 -12.00 13.70 -10.34
C VAL B 116 -11.93 12.35 -9.65
N PHE B 117 -11.29 12.29 -8.49
CA PHE B 117 -11.09 11.04 -7.77
C PHE B 117 -11.77 11.13 -6.40
N ALA B 118 -12.58 10.12 -6.08
CA ALA B 118 -13.26 10.02 -4.79
C ALA B 118 -12.57 8.93 -3.99
N ILE B 119 -12.09 9.28 -2.80
CA ILE B 119 -11.32 8.36 -1.96
C ILE B 119 -12.13 8.07 -0.70
N PRO B 120 -12.49 6.83 -0.44
CA PRO B 120 -13.27 6.51 0.77
C PRO B 120 -12.37 6.42 1.98
N PRO B 121 -12.94 6.42 3.18
CA PRO B 121 -12.12 6.23 4.39
C PRO B 121 -11.82 4.76 4.64
N SER B 122 -10.56 4.48 4.98
CA SER B 122 -10.14 3.12 5.26
C SER B 122 -10.55 2.76 6.69
N PHE B 123 -10.07 1.61 7.18
CA PHE B 123 -10.40 1.17 8.54
C PHE B 123 -9.36 1.61 9.56
N ALA B 124 -8.09 1.65 9.16
CA ALA B 124 -7.05 2.10 10.08
C ALA B 124 -7.21 3.57 10.42
N SER B 125 -7.85 4.35 9.55
CA SER B 125 -8.07 5.78 9.78
C SER B 125 -9.39 6.05 10.51
N ILE B 126 -10.07 5.01 10.99
CA ILE B 126 -11.20 5.16 11.88
C ILE B 126 -10.85 4.75 13.30
N PHE B 127 -10.09 3.67 13.45
CA PHE B 127 -9.69 3.20 14.77
C PHE B 127 -8.64 4.09 15.42
N LEU B 128 -7.86 4.81 14.62
CA LEU B 128 -6.75 5.60 15.16
C LEU B 128 -7.17 7.02 15.53
N THR B 129 -7.79 7.74 14.60
CA THR B 129 -8.15 9.14 14.81
C THR B 129 -9.62 9.34 15.18
N LYS B 130 -10.45 8.31 15.06
CA LYS B 130 -11.87 8.37 15.43
C LYS B 130 -12.60 9.50 14.68
N SER B 131 -12.41 9.54 13.37
CA SER B 131 -13.05 10.55 12.53
C SER B 131 -13.16 9.98 11.12
N THR B 132 -14.38 9.74 10.66
CA THR B 132 -14.61 9.11 9.36
C THR B 132 -14.69 10.17 8.26
N LYS B 133 -13.57 10.85 8.06
CA LYS B 133 -13.48 11.81 6.97
C LYS B 133 -13.54 11.10 5.62
N LEU B 134 -14.03 11.82 4.61
CA LEU B 134 -14.05 11.29 3.25
C LEU B 134 -13.80 12.44 2.29
N THR B 135 -12.86 12.26 1.36
CA THR B 135 -12.46 13.32 0.45
C THR B 135 -12.64 12.87 -0.98
N CYS B 136 -12.88 13.83 -1.87
CA CYS B 136 -12.84 13.58 -3.31
C CYS B 136 -11.98 14.67 -3.95
N LEU B 137 -10.96 14.24 -4.68
CA LEU B 137 -9.87 15.11 -5.11
C LEU B 137 -10.01 15.45 -6.58
N VAL B 138 -9.83 16.72 -6.92
CA VAL B 138 -9.84 17.20 -8.29
C VAL B 138 -8.40 17.52 -8.67
N THR B 139 -7.94 16.99 -9.80
CA THR B 139 -6.53 17.04 -10.16
C THR B 139 -6.31 17.81 -11.47
N ASP B 140 -5.15 18.46 -11.52
CA ASP B 140 -4.63 19.17 -12.71
C ASP B 140 -5.69 20.05 -13.37
N LEU B 141 -6.17 21.02 -12.61
CA LEU B 141 -6.98 22.12 -13.11
C LEU B 141 -6.10 23.38 -13.14
N THR B 142 -6.72 24.53 -13.42
CA THR B 142 -6.04 25.81 -13.34
C THR B 142 -6.53 26.56 -12.10
N THR B 143 -5.64 27.33 -11.47
CA THR B 143 -6.00 28.00 -10.23
C THR B 143 -6.92 29.17 -10.56
N TYR B 144 -8.13 28.85 -11.00
CA TYR B 144 -9.17 29.84 -11.23
C TYR B 144 -10.20 29.73 -10.11
N ASP B 145 -11.22 30.56 -10.17
CA ASP B 145 -12.27 30.56 -9.16
C ASP B 145 -13.42 29.69 -9.63
N SER B 146 -14.52 29.75 -8.90
CA SER B 146 -15.77 29.05 -9.23
C SER B 146 -15.66 27.55 -9.16
N VAL B 147 -14.65 27.01 -8.50
CA VAL B 147 -14.60 25.58 -8.22
C VAL B 147 -15.44 25.31 -6.98
N THR B 148 -16.32 24.32 -7.06
CA THR B 148 -17.25 24.01 -5.98
C THR B 148 -17.28 22.50 -5.82
N ILE B 149 -16.52 21.97 -4.88
CA ILE B 149 -16.52 20.55 -4.56
C ILE B 149 -17.54 20.36 -3.45
N SER B 150 -18.71 19.84 -3.80
CA SER B 150 -19.83 19.72 -2.87
C SER B 150 -20.23 18.26 -2.76
N TRP B 151 -20.24 17.75 -1.53
CA TRP B 151 -20.73 16.40 -1.27
C TRP B 151 -22.23 16.44 -1.04
N THR B 152 -22.93 15.44 -1.58
CA THR B 152 -24.36 15.29 -1.36
C THR B 152 -24.62 13.87 -0.89
N ARG B 153 -25.55 13.72 0.04
CA ARG B 153 -25.95 12.40 0.51
C ARG B 153 -26.94 11.80 -0.48
N GLN B 154 -27.56 10.68 -0.12
CA GLN B 154 -28.48 10.02 -1.04
C GLN B 154 -29.85 10.67 -1.07
N ASN B 155 -30.15 11.55 -0.12
CA ASN B 155 -31.44 12.23 -0.05
C ASN B 155 -31.40 13.63 -0.65
N GLY B 156 -30.33 13.98 -1.34
CA GLY B 156 -30.23 15.29 -1.97
C GLY B 156 -29.61 16.35 -1.09
N GLU B 157 -29.75 16.20 0.23
CA GLU B 157 -29.15 17.16 1.14
C GLU B 157 -27.62 17.07 1.09
N ALA B 158 -26.97 18.17 1.46
CA ALA B 158 -25.53 18.29 1.31
C ALA B 158 -24.85 18.36 2.67
N VAL B 159 -23.53 18.16 2.65
CA VAL B 159 -22.68 18.34 3.81
C VAL B 159 -21.63 19.39 3.46
N LYS B 160 -20.70 19.63 4.39
CA LYS B 160 -19.84 20.80 4.32
C LYS B 160 -18.83 20.70 3.17
N THR B 161 -18.38 21.87 2.73
CA THR B 161 -17.44 22.02 1.64
C THR B 161 -16.00 21.90 2.16
N HIS B 162 -15.04 22.29 1.33
CA HIS B 162 -13.64 21.94 1.52
C HIS B 162 -12.87 23.07 2.20
N THR B 163 -11.56 22.86 2.32
CA THR B 163 -10.59 23.87 2.72
C THR B 163 -9.33 23.67 1.89
N ASN B 164 -8.23 24.28 2.33
CA ASN B 164 -6.85 23.93 1.98
C ASN B 164 -6.70 23.49 0.53
N ILE B 165 -7.03 24.41 -0.38
CA ILE B 165 -6.69 24.21 -1.79
C ILE B 165 -5.18 24.23 -1.95
N SER B 166 -4.65 23.29 -2.71
CA SER B 166 -3.20 23.16 -2.87
C SER B 166 -2.64 24.35 -3.65
N GLU B 167 -1.32 24.38 -3.76
CA GLU B 167 -0.58 25.48 -4.37
C GLU B 167 -0.15 25.12 -5.78
N SER B 168 0.64 25.98 -6.39
CA SER B 168 1.06 25.81 -7.78
C SER B 168 1.98 24.61 -7.92
N HIS B 169 1.97 24.03 -9.11
CA HIS B 169 2.77 22.86 -9.46
C HIS B 169 3.53 23.14 -10.75
N PRO B 170 4.66 22.46 -10.97
CA PRO B 170 5.46 22.76 -12.17
C PRO B 170 4.71 22.63 -13.48
N ASN B 171 3.85 21.63 -13.61
CA ASN B 171 3.07 21.43 -14.83
C ASN B 171 1.73 22.16 -14.79
N ALA B 172 1.58 23.15 -13.91
CA ALA B 172 0.30 23.82 -13.67
C ALA B 172 -0.78 22.82 -13.25
N THR B 173 -0.37 21.74 -12.60
CA THR B 173 -1.30 20.69 -12.18
C THR B 173 -1.65 20.88 -10.70
N PHE B 174 -2.47 21.90 -10.46
CA PHE B 174 -2.97 22.18 -9.12
C PHE B 174 -4.07 21.18 -8.75
N SER B 175 -4.42 21.17 -7.47
CA SER B 175 -5.37 20.19 -6.97
C SER B 175 -6.17 20.79 -5.82
N ALA B 176 -7.31 20.17 -5.54
CA ALA B 176 -8.18 20.57 -4.44
C ALA B 176 -8.58 19.32 -3.67
N VAL B 177 -8.88 19.49 -2.39
CA VAL B 177 -9.23 18.39 -1.50
C VAL B 177 -10.57 18.72 -0.86
N GLY B 178 -11.64 18.07 -1.33
CA GLY B 178 -12.97 18.35 -0.84
C GLY B 178 -13.34 17.59 0.41
N GLU B 179 -12.56 17.76 1.48
CA GLU B 179 -12.79 17.02 2.71
C GLU B 179 -14.15 17.34 3.31
N ALA B 180 -14.76 16.34 3.94
CA ALA B 180 -16.03 16.52 4.62
C ALA B 180 -16.01 15.68 5.89
N SER B 181 -17.18 15.53 6.52
CA SER B 181 -17.27 14.72 7.73
C SER B 181 -18.65 14.10 7.80
N ILE B 182 -18.75 12.99 8.53
CA ILE B 182 -20.00 12.25 8.65
C ILE B 182 -19.87 11.35 9.88
N CYS B 183 -20.99 11.11 10.56
CA CYS B 183 -21.00 10.16 11.66
C CYS B 183 -20.69 8.76 11.15
N GLU B 184 -20.01 7.97 11.99
CA GLU B 184 -19.54 6.65 11.57
C GLU B 184 -20.70 5.72 11.23
N ASP B 185 -21.78 5.78 12.00
CA ASP B 185 -22.89 4.85 11.81
C ASP B 185 -23.53 5.01 10.44
N ASP B 186 -23.71 6.25 9.99
CA ASP B 186 -24.33 6.48 8.68
C ASP B 186 -23.49 5.90 7.57
N TRP B 187 -22.17 6.09 7.63
CA TRP B 187 -21.29 5.49 6.62
C TRP B 187 -21.32 3.97 6.69
N ASN B 188 -21.34 3.41 7.90
CA ASN B 188 -21.37 1.96 8.04
C ASN B 188 -22.68 1.38 7.52
N SER B 189 -23.76 2.15 7.55
CA SER B 189 -25.02 1.67 6.98
C SER B 189 -24.93 1.49 5.47
N GLY B 190 -23.97 2.11 4.81
CA GLY B 190 -23.73 1.90 3.41
C GLY B 190 -24.71 2.56 2.45
N GLU B 191 -24.74 3.88 2.44
CA GLU B 191 -25.53 4.62 1.46
C GLU B 191 -24.58 5.39 0.53
N ARG B 192 -25.07 5.64 -0.68
CA ARG B 192 -24.20 6.20 -1.73
C ARG B 192 -23.97 7.70 -1.51
N PHE B 193 -22.71 8.09 -1.45
CA PHE B 193 -22.32 9.49 -1.35
C PHE B 193 -21.73 9.93 -2.68
N THR B 194 -22.20 11.06 -3.20
CA THR B 194 -21.74 11.60 -4.47
C THR B 194 -21.18 13.00 -4.25
N CYS B 195 -20.06 13.30 -4.90
CA CYS B 195 -19.50 14.64 -4.88
C CYS B 195 -19.55 15.24 -6.27
N THR B 196 -19.96 16.50 -6.35
CA THR B 196 -20.18 17.19 -7.61
C THR B 196 -19.11 18.26 -7.80
N VAL B 197 -18.62 18.39 -9.03
CA VAL B 197 -17.60 19.36 -9.36
C VAL B 197 -18.09 20.24 -10.49
N THR B 198 -17.91 21.54 -10.34
CA THR B 198 -18.30 22.51 -11.35
C THR B 198 -17.09 23.38 -11.70
N HIS B 199 -17.13 23.97 -12.88
CA HIS B 199 -16.06 24.83 -13.35
C HIS B 199 -16.59 25.70 -14.47
N THR B 200 -15.86 26.79 -14.75
CA THR B 200 -16.23 27.66 -15.86
C THR B 200 -15.94 27.03 -17.21
N ASP B 201 -15.07 26.01 -17.25
CA ASP B 201 -14.68 25.36 -18.49
C ASP B 201 -15.36 24.01 -18.68
N LEU B 202 -16.33 23.66 -17.82
CA LEU B 202 -16.97 22.36 -17.88
C LEU B 202 -18.38 22.48 -18.40
N PRO B 203 -18.72 21.82 -19.51
CA PRO B 203 -20.09 21.86 -20.02
C PRO B 203 -21.10 21.22 -19.08
N SER B 204 -20.67 20.34 -18.17
CA SER B 204 -21.57 19.69 -17.25
C SER B 204 -20.77 19.22 -16.04
N PRO B 205 -21.41 19.01 -14.89
CA PRO B 205 -20.68 18.53 -13.72
C PRO B 205 -20.17 17.10 -13.92
N LEU B 206 -19.44 16.62 -12.91
CA LEU B 206 -18.84 15.28 -12.93
C LEU B 206 -19.31 14.54 -11.68
N LYS B 207 -20.44 13.87 -11.78
CA LYS B 207 -21.05 13.18 -10.63
C LYS B 207 -20.32 11.86 -10.42
N GLN B 208 -19.39 11.84 -9.47
CA GLN B 208 -18.78 10.60 -9.01
C GLN B 208 -19.65 9.96 -7.93
N THR B 209 -19.26 8.78 -7.46
CA THR B 209 -20.03 8.08 -6.45
C THR B 209 -19.10 7.19 -5.65
N ILE B 210 -19.42 7.00 -4.37
CA ILE B 210 -18.65 6.13 -3.50
C ILE B 210 -19.59 5.62 -2.41
N SER B 211 -19.47 4.33 -2.09
CA SER B 211 -20.32 3.69 -1.08
C SER B 211 -19.56 2.49 -0.56
N ARG B 212 -20.13 1.83 0.44
CA ARG B 212 -19.51 0.66 1.03
C ARG B 212 -20.36 -0.58 0.77
N PRO B 213 -19.76 -1.69 0.33
CA PRO B 213 -20.53 -2.92 0.15
C PRO B 213 -21.03 -3.44 1.48
N LYS B 214 -22.15 -4.15 1.42
CA LYS B 214 -22.79 -4.71 2.61
C LYS B 214 -22.98 -6.21 2.41
N GLY B 215 -22.71 -6.97 3.47
CA GLY B 215 -22.89 -8.41 3.44
C GLY B 215 -21.65 -9.25 3.27
N VAL B 216 -20.47 -8.65 3.32
CA VAL B 216 -19.23 -9.41 3.17
C VAL B 216 -18.94 -10.18 4.45
N ALA B 217 -18.16 -11.25 4.32
CA ALA B 217 -17.82 -12.12 5.45
C ALA B 217 -16.36 -11.91 5.85
N LEU B 218 -16.05 -12.35 7.07
CA LEU B 218 -14.75 -12.09 7.69
C LEU B 218 -13.90 -13.36 7.68
N HIS B 219 -12.65 -13.21 7.23
CA HIS B 219 -11.63 -14.24 7.36
C HIS B 219 -10.33 -13.58 7.79
N ARG B 220 -9.47 -14.37 8.43
CA ARG B 220 -8.26 -13.79 9.00
C ARG B 220 -7.04 -14.09 8.13
N PRO B 221 -6.06 -13.19 8.10
CA PRO B 221 -4.90 -13.38 7.24
C PRO B 221 -3.86 -14.28 7.90
N ASP B 222 -2.81 -14.57 7.14
CA ASP B 222 -1.72 -15.44 7.59
C ASP B 222 -0.41 -14.84 7.07
N VAL B 223 0.24 -14.02 7.89
CA VAL B 223 1.41 -13.28 7.46
C VAL B 223 2.65 -14.17 7.56
N TYR B 224 3.28 -14.43 6.43
CA TYR B 224 4.60 -15.04 6.35
C TYR B 224 5.61 -13.96 5.99
N LEU B 225 6.89 -14.32 6.02
CA LEU B 225 7.94 -13.33 5.80
C LEU B 225 9.19 -14.05 5.33
N LEU B 226 9.69 -13.69 4.15
CA LEU B 226 10.78 -14.41 3.50
C LEU B 226 12.04 -13.56 3.47
N PRO B 227 13.22 -14.16 3.57
CA PRO B 227 14.47 -13.40 3.49
C PRO B 227 14.98 -13.34 2.07
N PRO B 228 16.04 -12.57 1.80
CA PRO B 228 16.55 -12.47 0.43
C PRO B 228 17.16 -13.79 -0.05
N ALA B 229 17.05 -14.01 -1.35
CA ALA B 229 17.62 -15.21 -1.96
C ALA B 229 19.12 -15.05 -2.13
N ARG B 230 19.83 -16.18 -2.09
CA ARG B 230 21.28 -16.15 -2.06
C ARG B 230 21.88 -15.49 -3.29
N GLU B 231 21.25 -15.68 -4.45
CA GLU B 231 21.76 -15.07 -5.67
C GLU B 231 21.80 -13.54 -5.57
N GLN B 232 20.90 -12.94 -4.79
CA GLN B 232 20.94 -11.50 -4.59
C GLN B 232 22.11 -11.11 -3.71
N LEU B 233 22.35 -11.87 -2.64
CA LEU B 233 23.41 -11.52 -1.70
C LEU B 233 24.79 -11.69 -2.33
N ASN B 234 24.93 -12.66 -3.24
CA ASN B 234 26.22 -12.86 -3.89
C ASN B 234 26.63 -11.66 -4.75
N LEU B 235 25.69 -10.77 -5.07
CA LEU B 235 26.04 -9.55 -5.80
C LEU B 235 26.68 -8.50 -4.91
N ARG B 236 26.48 -8.59 -3.59
CA ARG B 236 27.01 -7.61 -2.63
C ARG B 236 26.52 -6.19 -2.95
N GLU B 237 25.27 -6.08 -3.38
CA GLU B 237 24.69 -4.77 -3.70
C GLU B 237 23.51 -4.41 -2.82
N SER B 238 22.52 -5.28 -2.70
CA SER B 238 21.31 -4.97 -1.94
C SER B 238 20.61 -6.26 -1.56
N ALA B 239 19.47 -6.11 -0.91
CA ALA B 239 18.63 -7.25 -0.52
C ALA B 239 17.19 -6.76 -0.40
N THR B 240 16.26 -7.69 -0.53
CA THR B 240 14.83 -7.38 -0.39
C THR B 240 14.17 -8.39 0.52
N ILE B 241 13.47 -7.88 1.54
CA ILE B 241 12.72 -8.70 2.48
C ILE B 241 11.24 -8.46 2.21
N THR B 242 10.48 -9.55 2.07
CA THR B 242 9.08 -9.46 1.65
C THR B 242 8.19 -10.05 2.73
N CYS B 243 7.20 -9.29 3.17
CA CYS B 243 6.11 -9.92 3.89
C CYS B 243 5.17 -10.57 2.88
N LEU B 244 4.15 -11.27 3.40
CA LEU B 244 3.17 -11.90 2.52
C LEU B 244 1.91 -12.15 3.32
N VAL B 245 0.84 -11.42 3.02
CA VAL B 245 -0.42 -11.51 3.73
C VAL B 245 -1.40 -12.24 2.84
N THR B 246 -1.67 -13.51 3.16
CA THR B 246 -2.34 -14.41 2.24
C THR B 246 -3.67 -14.86 2.80
N GLY B 247 -4.73 -14.75 1.99
CA GLY B 247 -6.01 -15.35 2.30
C GLY B 247 -6.86 -14.62 3.31
N PHE B 248 -7.17 -13.35 3.05
CA PHE B 248 -8.02 -12.57 3.93
C PHE B 248 -9.20 -12.00 3.15
N SER B 249 -10.29 -11.72 3.87
CA SER B 249 -11.46 -11.08 3.32
C SER B 249 -12.12 -10.32 4.47
N PRO B 250 -12.53 -9.07 4.27
CA PRO B 250 -12.45 -8.26 3.05
C PRO B 250 -11.08 -7.63 2.82
N ALA B 251 -11.04 -6.56 2.03
CA ALA B 251 -9.81 -5.89 1.63
C ALA B 251 -9.26 -5.00 2.74
N ASP B 252 -8.44 -4.03 2.35
CA ASP B 252 -7.90 -2.96 3.22
C ASP B 252 -7.11 -3.51 4.41
N VAL B 253 -6.00 -4.18 4.08
CA VAL B 253 -5.00 -4.49 5.09
C VAL B 253 -4.08 -3.28 5.27
N PHE B 254 -3.33 -3.27 6.37
CA PHE B 254 -2.54 -2.11 6.76
C PHE B 254 -1.24 -2.60 7.40
N VAL B 255 -0.11 -2.31 6.76
CA VAL B 255 1.18 -2.83 7.20
C VAL B 255 2.18 -1.70 7.37
N GLN B 256 3.21 -1.96 8.17
CA GLN B 256 4.32 -1.05 8.36
C GLN B 256 5.50 -1.83 8.93
N TRP B 257 6.69 -1.22 8.85
CA TRP B 257 7.94 -1.86 9.28
C TRP B 257 8.56 -1.07 10.40
N MET B 258 9.26 -1.76 11.30
CA MET B 258 9.98 -1.14 12.41
C MET B 258 11.38 -1.72 12.52
N GLN B 259 12.30 -0.89 13.01
CA GLN B 259 13.68 -1.32 13.22
C GLN B 259 14.29 -0.47 14.32
N ARG B 260 14.95 -1.12 15.28
CA ARG B 260 15.54 -0.51 16.48
C ARG B 260 14.49 0.00 17.45
N GLY B 261 13.21 -0.29 17.22
CA GLY B 261 12.14 0.30 17.99
C GLY B 261 11.58 1.58 17.42
N GLN B 262 12.23 2.16 16.41
CA GLN B 262 11.79 3.39 15.77
C GLN B 262 11.19 3.08 14.40
N PRO B 263 9.92 3.38 14.16
CA PRO B 263 9.33 3.05 12.87
C PRO B 263 10.03 3.72 11.71
N LEU B 264 10.07 3.03 10.58
CA LEU B 264 10.76 3.50 9.39
C LEU B 264 9.90 4.50 8.61
N SER B 265 10.57 5.37 7.87
CA SER B 265 9.86 6.36 7.07
C SER B 265 9.16 5.69 5.89
N PRO B 266 8.06 6.27 5.40
CA PRO B 266 7.28 5.60 4.35
C PRO B 266 7.91 5.63 2.97
N GLU B 267 9.17 6.06 2.87
CA GLU B 267 9.87 6.12 1.60
C GLU B 267 10.80 4.94 1.38
N LYS B 268 10.73 3.93 2.24
CA LYS B 268 11.50 2.69 2.07
C LYS B 268 10.70 1.58 1.41
N TYR B 269 9.53 1.25 1.95
CA TYR B 269 8.76 0.10 1.50
C TYR B 269 7.71 0.51 0.47
N VAL B 270 7.25 -0.50 -0.29
CA VAL B 270 6.29 -0.31 -1.37
C VAL B 270 5.23 -1.41 -1.23
N THR B 271 4.10 -1.08 -0.62
CA THR B 271 3.02 -2.03 -0.45
C THR B 271 2.23 -2.17 -1.75
N SER B 272 1.50 -3.27 -1.87
CA SER B 272 0.67 -3.58 -3.03
C SER B 272 -0.81 -3.43 -2.66
N ALA B 273 -1.68 -3.78 -3.61
CA ALA B 273 -3.11 -3.68 -3.41
C ALA B 273 -3.76 -5.07 -3.49
N PRO B 274 -4.83 -5.30 -2.72
CA PRO B 274 -5.47 -6.62 -2.74
C PRO B 274 -6.02 -6.97 -4.10
N MET B 275 -5.90 -8.25 -4.47
CA MET B 275 -6.43 -8.78 -5.71
C MET B 275 -6.80 -10.24 -5.51
N PRO B 276 -7.79 -10.75 -6.25
CA PRO B 276 -8.37 -12.06 -5.90
C PRO B 276 -7.37 -13.21 -5.99
N GLU B 277 -7.60 -14.21 -5.14
CA GLU B 277 -6.85 -15.45 -5.02
C GLU B 277 -7.20 -16.38 -6.18
N PRO B 278 -6.20 -17.04 -6.79
CA PRO B 278 -6.50 -17.87 -7.97
C PRO B 278 -7.44 -19.03 -7.69
N GLN B 279 -7.12 -19.88 -6.72
CA GLN B 279 -7.90 -21.10 -6.50
C GLN B 279 -9.05 -20.91 -5.52
N ALA B 280 -8.85 -20.12 -4.46
CA ALA B 280 -9.96 -19.85 -3.55
C ALA B 280 -10.94 -18.87 -4.20
N PRO B 281 -12.23 -19.00 -3.90
CA PRO B 281 -13.24 -18.17 -4.58
C PRO B 281 -13.27 -16.71 -4.12
N GLY B 282 -13.18 -16.48 -2.82
CA GLY B 282 -13.46 -15.17 -2.28
C GLY B 282 -12.42 -14.60 -1.33
N ARG B 283 -11.13 -14.81 -1.61
CA ARG B 283 -10.07 -14.32 -0.76
C ARG B 283 -9.00 -13.64 -1.61
N TYR B 284 -8.13 -12.88 -0.95
CA TYR B 284 -7.19 -12.02 -1.64
C TYR B 284 -5.76 -12.28 -1.18
N PHE B 285 -4.80 -11.46 -1.64
CA PHE B 285 -3.44 -11.49 -1.12
C PHE B 285 -2.78 -10.15 -1.40
N ALA B 286 -1.70 -9.88 -0.68
CA ALA B 286 -0.99 -8.61 -0.79
C ALA B 286 0.51 -8.88 -0.71
N HIS B 287 1.29 -7.82 -0.52
CA HIS B 287 2.75 -7.93 -0.50
C HIS B 287 3.33 -6.77 0.29
N SER B 288 4.66 -6.70 0.29
CA SER B 288 5.45 -5.59 0.82
C SER B 288 6.91 -5.86 0.48
N ILE B 289 7.66 -4.80 0.23
CA ILE B 289 9.07 -4.91 -0.15
C ILE B 289 9.87 -3.89 0.63
N LEU B 290 10.95 -4.33 1.28
CA LEU B 290 11.89 -3.43 1.93
C LEU B 290 13.26 -3.67 1.35
N THR B 291 13.95 -2.60 0.97
CA THR B 291 15.27 -2.69 0.36
C THR B 291 16.30 -2.12 1.33
N VAL B 292 17.31 -2.93 1.67
CA VAL B 292 18.37 -2.54 2.58
C VAL B 292 19.71 -2.84 1.91
N SER B 293 20.74 -2.15 2.37
CA SER B 293 22.08 -2.45 1.89
C SER B 293 22.50 -3.83 2.37
N GLU B 294 23.38 -4.47 1.60
CA GLU B 294 23.79 -5.83 1.93
C GLU B 294 24.66 -5.90 3.16
N GLU B 295 25.52 -4.90 3.38
CA GLU B 295 26.38 -4.90 4.56
C GLU B 295 25.59 -4.75 5.85
N GLU B 296 24.45 -4.06 5.81
CA GLU B 296 23.61 -3.93 6.99
C GLU B 296 23.05 -5.27 7.43
N TRP B 297 22.64 -6.11 6.49
CA TRP B 297 22.01 -7.38 6.82
C TRP B 297 23.00 -8.41 7.33
N ASN B 298 24.30 -8.16 7.20
CA ASN B 298 25.30 -9.16 7.53
C ASN B 298 25.83 -9.04 8.96
N THR B 299 25.35 -8.07 9.74
CA THR B 299 25.83 -7.83 11.10
C THR B 299 24.66 -7.65 12.06
N GLY B 300 23.68 -8.53 11.98
CA GLY B 300 22.52 -8.44 12.86
C GLY B 300 21.35 -7.71 12.23
N GLU B 301 20.91 -6.64 12.89
CA GLU B 301 19.88 -5.73 12.37
C GLU B 301 18.57 -6.47 12.09
N THR B 302 17.94 -6.89 13.18
CA THR B 302 16.64 -7.55 13.09
C THR B 302 15.56 -6.59 12.60
N TYR B 303 14.69 -7.07 11.72
CA TYR B 303 13.60 -6.28 11.15
C TYR B 303 12.25 -6.89 11.52
N THR B 304 11.20 -6.07 11.48
CA THR B 304 9.86 -6.50 11.86
C THR B 304 8.84 -6.14 10.78
N CYS B 305 7.62 -6.64 10.94
CA CYS B 305 6.56 -6.48 9.93
C CYS B 305 5.22 -6.48 10.66
N VAL B 306 4.69 -5.29 10.91
CA VAL B 306 3.44 -5.13 11.66
C VAL B 306 2.29 -5.02 10.67
N VAL B 307 1.24 -5.83 10.87
CA VAL B 307 0.04 -5.74 10.07
C VAL B 307 -1.14 -5.47 10.98
N ALA B 308 -2.28 -5.13 10.36
CA ALA B 308 -3.49 -4.85 11.12
C ALA B 308 -4.71 -5.06 10.24
N HIS B 309 -5.55 -6.01 10.62
CA HIS B 309 -6.74 -6.36 9.86
C HIS B 309 -7.91 -6.42 10.82
N GLU B 310 -9.12 -6.16 10.31
CA GLU B 310 -10.27 -6.03 11.19
C GLU B 310 -10.87 -7.37 11.59
N ALA B 311 -10.36 -8.48 11.09
CA ALA B 311 -10.87 -9.80 11.46
C ALA B 311 -9.92 -10.55 12.39
N LEU B 312 -8.72 -10.04 12.61
CA LEU B 312 -7.78 -10.69 13.51
C LEU B 312 -8.31 -10.64 14.94
N PRO B 313 -7.99 -11.64 15.77
CA PRO B 313 -8.56 -11.67 17.13
C PRO B 313 -8.17 -10.47 17.98
N ASN B 314 -6.98 -9.92 17.81
CA ASN B 314 -6.53 -8.80 18.61
C ASN B 314 -6.12 -7.60 17.78
N ARG B 315 -6.44 -7.60 16.48
CA ARG B 315 -6.29 -6.50 15.54
C ARG B 315 -4.85 -6.23 15.12
N VAL B 316 -3.86 -6.93 15.67
CA VAL B 316 -2.48 -6.69 15.29
C VAL B 316 -1.65 -7.94 15.55
N THR B 317 -0.62 -8.14 14.72
CA THR B 317 0.35 -9.21 14.90
C THR B 317 1.65 -8.79 14.23
N GLU B 318 2.72 -9.50 14.55
CA GLU B 318 4.06 -8.99 14.22
C GLU B 318 5.03 -10.15 14.08
N ARG B 319 5.79 -10.18 13.00
CA ARG B 319 6.83 -11.16 12.73
C ARG B 319 8.20 -10.50 12.70
N THR B 320 9.24 -11.30 12.47
CA THR B 320 10.60 -10.80 12.57
C THR B 320 11.58 -11.78 11.94
N VAL B 321 12.70 -11.24 11.46
CA VAL B 321 13.80 -12.05 10.93
C VAL B 321 15.08 -11.23 11.05
N ASP B 322 16.19 -11.88 11.42
CA ASP B 322 17.45 -11.14 11.39
C ASP B 322 18.51 -11.71 10.45
N LYS B 323 19.12 -12.84 10.80
CA LYS B 323 19.82 -13.66 9.82
C LYS B 323 19.73 -15.13 10.19
N SER B 324 19.61 -15.39 11.50
CA SER B 324 19.62 -16.74 12.03
C SER B 324 18.18 -17.17 12.35
N THR B 325 17.46 -17.52 11.29
CA THR B 325 16.09 -17.97 11.45
C THR B 325 16.12 -19.39 11.97
N GLU B 326 16.74 -19.57 13.13
CA GLU B 326 17.08 -20.86 13.70
C GLU B 326 17.08 -20.68 15.22
N GLY B 327 17.74 -21.60 15.92
CA GLY B 327 17.84 -21.50 17.36
C GLY B 327 16.74 -22.22 18.09
N GLU B 328 16.64 -23.53 17.86
CA GLU B 328 15.64 -24.36 18.50
C GLU B 328 16.11 -24.70 19.91
N VAL B 329 15.49 -25.69 20.53
CA VAL B 329 15.74 -26.07 21.92
C VAL B 329 17.14 -26.65 22.09
N SER B 330 17.48 -27.01 23.33
CA SER B 330 18.81 -27.48 23.73
C SER B 330 19.84 -26.37 23.69
N ALA B 331 19.67 -25.37 24.56
CA ALA B 331 20.64 -24.30 24.68
C ALA B 331 21.98 -24.80 25.22
N ASP B 332 21.95 -25.59 26.30
CA ASP B 332 23.16 -25.95 27.05
C ASP B 332 23.60 -27.39 26.84
N GLU B 333 22.68 -28.31 26.57
CA GLU B 333 23.03 -29.71 26.42
C GLU B 333 23.72 -29.92 25.07
N GLU B 334 23.92 -31.19 24.72
CA GLU B 334 24.57 -31.79 23.54
C GLU B 334 26.09 -31.72 23.60
N GLY B 335 26.69 -31.02 24.55
CA GLY B 335 28.14 -31.04 24.73
C GLY B 335 28.92 -30.37 23.63
N PHE B 336 30.10 -29.86 23.97
CA PHE B 336 31.03 -29.34 22.96
C PHE B 336 32.48 -29.73 23.19
N GLU B 337 32.87 -30.09 24.40
CA GLU B 337 34.23 -30.54 24.71
C GLU B 337 34.32 -32.05 24.85
N ASN B 338 33.28 -32.66 25.42
CA ASN B 338 33.23 -34.11 25.50
C ASN B 338 33.28 -34.73 24.12
N LEU B 339 32.64 -34.10 23.13
CA LEU B 339 32.64 -34.66 21.79
C LEU B 339 34.02 -34.63 21.15
N TRP B 340 34.91 -33.76 21.62
CA TRP B 340 36.28 -33.78 21.12
C TRP B 340 37.13 -34.79 21.89
N ALA B 341 37.00 -34.80 23.22
CA ALA B 341 37.79 -35.73 24.03
C ALA B 341 37.47 -37.18 23.69
N THR B 342 36.18 -37.51 23.53
CA THR B 342 35.79 -38.88 23.20
C THR B 342 36.33 -39.31 21.85
N ALA B 343 36.22 -38.42 20.85
CA ALA B 343 36.73 -38.75 19.53
C ALA B 343 38.24 -38.99 19.55
N SER B 344 38.99 -38.14 20.27
CA SER B 344 40.43 -38.34 20.35
C SER B 344 40.78 -39.65 21.07
N THR B 345 40.10 -39.91 22.19
CA THR B 345 40.42 -41.13 22.95
C THR B 345 40.13 -42.37 22.13
N PHE B 346 39.01 -42.40 21.41
CA PHE B 346 38.70 -43.58 20.62
C PHE B 346 39.41 -43.61 19.26
N ILE B 347 40.05 -42.52 18.84
CA ILE B 347 40.98 -42.62 17.73
C ILE B 347 42.29 -43.26 18.20
N VAL B 348 42.71 -42.97 19.43
CA VAL B 348 43.92 -43.58 19.95
C VAL B 348 43.70 -45.05 20.32
N LEU B 349 42.53 -45.36 20.89
CA LEU B 349 42.34 -46.63 21.58
C LEU B 349 42.31 -47.80 20.61
N PHE B 350 41.63 -47.65 19.47
CA PHE B 350 41.59 -48.72 18.47
C PHE B 350 42.97 -48.97 17.87
N LEU B 351 43.71 -47.90 17.60
CA LEU B 351 45.07 -48.06 17.08
C LEU B 351 45.94 -48.82 18.07
N LEU B 352 45.81 -48.52 19.36
CA LEU B 352 46.54 -49.28 20.37
C LEU B 352 46.10 -50.74 20.40
N SER B 353 44.81 -51.00 20.28
CA SER B 353 44.32 -52.38 20.33
C SER B 353 44.75 -53.20 19.11
N LEU B 354 45.03 -52.53 17.99
CA LEU B 354 45.47 -53.27 16.81
C LEU B 354 46.80 -53.97 17.05
N PHE B 355 47.68 -53.38 17.85
CA PHE B 355 48.94 -54.03 18.20
C PHE B 355 48.71 -55.32 18.98
N TYR B 356 47.80 -55.29 19.95
CA TYR B 356 47.44 -56.50 20.67
C TYR B 356 46.82 -57.54 19.75
N SER B 357 45.99 -57.10 18.81
CA SER B 357 45.42 -58.04 17.85
C SER B 357 46.52 -58.70 17.02
N THR B 358 47.52 -57.91 16.59
CA THR B 358 48.62 -58.47 15.82
C THR B 358 49.42 -59.48 16.64
N THR B 359 49.71 -59.16 17.90
CA THR B 359 50.43 -60.09 18.75
C THR B 359 49.64 -61.37 18.97
N VAL B 360 48.33 -61.25 19.17
CA VAL B 360 47.47 -62.41 19.37
C VAL B 360 47.47 -63.29 18.13
N THR B 361 47.34 -62.69 16.95
CA THR B 361 47.39 -63.47 15.72
C THR B 361 48.75 -64.12 15.53
N LEU B 362 49.82 -63.46 15.97
CA LEU B 362 51.14 -64.08 15.92
C LEU B 362 51.20 -65.32 16.81
N PHE B 363 50.61 -65.24 18.00
CA PHE B 363 50.55 -66.40 18.88
C PHE B 363 49.19 -67.08 18.81
N SER C 1 10.36 7.04 30.91
CA SER C 1 10.26 8.40 31.46
C SER C 1 11.40 9.28 30.94
N ARG C 2 12.63 8.90 31.26
CA ARG C 2 13.79 9.65 30.78
C ARG C 2 14.74 8.74 30.01
N ILE C 3 14.89 7.49 30.44
CA ILE C 3 15.81 6.55 29.80
C ILE C 3 14.99 5.43 29.17
N TRP C 4 15.25 5.19 27.88
CA TRP C 4 14.49 4.25 27.06
C TRP C 4 15.46 3.22 26.50
N GLN C 5 15.16 1.94 26.71
CA GLN C 5 16.06 0.88 26.29
C GLN C 5 15.30 -0.24 25.59
N SER C 6 15.86 -0.70 24.46
CA SER C 6 15.31 -1.82 23.71
C SER C 6 16.49 -2.60 23.13
N PRO C 7 16.32 -3.89 22.82
CA PRO C 7 15.13 -4.75 22.93
C PRO C 7 15.01 -5.43 24.29
N ARG C 8 13.97 -6.22 24.51
CA ARG C 8 13.72 -6.82 25.82
C ARG C 8 14.21 -8.26 25.93
N PHE C 9 14.27 -8.99 24.83
CA PHE C 9 14.69 -10.40 24.87
C PHE C 9 15.34 -10.77 23.56
N ILE C 10 16.50 -11.40 23.63
CA ILE C 10 17.25 -11.83 22.46
C ILE C 10 17.65 -13.27 22.64
N ALA C 11 17.33 -14.12 21.65
CA ALA C 11 17.69 -15.53 21.67
C ALA C 11 18.36 -15.87 20.34
N ARG C 12 19.68 -15.74 20.31
CA ARG C 12 20.47 -16.01 19.10
C ARG C 12 20.93 -17.45 19.06
N LYS C 13 21.83 -17.73 18.13
CA LYS C 13 22.49 -19.02 17.99
C LYS C 13 23.99 -18.82 18.15
N ARG C 14 24.64 -19.77 18.81
CA ARG C 14 26.04 -19.61 19.21
C ARG C 14 26.95 -19.24 18.05
N GLY C 15 27.53 -18.05 18.10
CA GLY C 15 28.48 -17.62 17.09
C GLY C 15 28.19 -16.26 16.47
N PHE C 16 26.97 -15.77 16.62
CA PHE C 16 26.54 -14.56 15.92
C PHE C 16 26.67 -13.34 16.82
N THR C 17 26.17 -12.20 16.34
CA THR C 17 26.34 -10.91 16.97
C THR C 17 25.05 -10.45 17.65
N VAL C 18 25.17 -9.57 18.64
CA VAL C 18 24.03 -8.97 19.31
C VAL C 18 24.33 -7.50 19.60
N LYS C 19 23.31 -6.67 19.43
CA LYS C 19 23.42 -5.24 19.68
C LYS C 19 22.31 -4.78 20.61
N MET C 20 22.65 -3.90 21.55
CA MET C 20 21.70 -3.37 22.52
C MET C 20 21.80 -1.85 22.55
N HIS C 21 20.65 -1.18 22.51
CA HIS C 21 20.58 0.27 22.34
C HIS C 21 19.98 0.91 23.59
N CYS C 22 20.67 1.92 24.12
CA CYS C 22 20.17 2.73 25.23
C CYS C 22 19.89 4.12 24.70
N TYR C 23 18.63 4.55 24.74
CA TYR C 23 18.23 5.86 24.26
C TYR C 23 18.15 6.84 25.43
N MET C 24 18.93 7.91 25.38
CA MET C 24 18.95 8.89 26.44
C MET C 24 19.33 10.25 25.89
N ASN C 25 18.92 11.30 26.60
CA ASN C 25 19.20 12.66 26.14
C ASN C 25 20.67 13.02 26.36
N SER C 26 21.17 13.89 25.48
CA SER C 26 22.61 14.20 25.44
C SER C 26 22.92 15.45 26.26
N ALA C 27 22.60 15.39 27.55
CA ALA C 27 22.89 16.47 28.48
C ALA C 27 23.74 16.03 29.65
N SER C 28 23.39 14.92 30.29
CA SER C 28 23.98 14.53 31.56
C SER C 28 25.10 13.50 31.39
N GLY C 29 26.22 13.96 30.84
CA GLY C 29 27.43 13.16 30.86
C GLY C 29 27.37 11.90 30.01
N ASN C 30 28.29 10.99 30.30
CA ASN C 30 28.45 9.74 29.57
C ASN C 30 27.73 8.61 30.30
N VAL C 31 27.48 7.52 29.56
CA VAL C 31 26.70 6.39 30.04
C VAL C 31 27.61 5.21 30.29
N SER C 32 27.40 4.54 31.43
CA SER C 32 28.18 3.38 31.83
C SER C 32 27.25 2.19 32.02
N TRP C 33 27.65 1.04 31.47
CA TRP C 33 26.84 -0.16 31.46
C TRP C 33 27.06 -0.97 32.74
N LEU C 34 26.18 -1.95 32.96
CA LEU C 34 26.28 -2.84 34.10
C LEU C 34 25.96 -4.25 33.62
N TRP C 35 25.87 -5.19 34.56
CA TRP C 35 25.72 -6.61 34.23
C TRP C 35 25.14 -7.33 35.43
N LYS C 36 24.35 -8.37 35.16
CA LYS C 36 23.72 -9.13 36.23
C LYS C 36 23.33 -10.50 35.71
N GLN C 37 24.00 -11.54 36.21
CA GLN C 37 23.53 -12.90 35.99
C GLN C 37 22.38 -13.19 36.96
N GLU C 38 21.86 -14.40 36.92
CA GLU C 38 20.82 -14.78 37.85
C GLU C 38 21.36 -15.44 39.11
N MET C 39 22.67 -15.68 39.17
CA MET C 39 23.28 -16.10 40.45
C MET C 39 23.31 -14.94 41.43
N ASP C 40 23.62 -13.74 40.95
CA ASP C 40 23.59 -12.54 41.75
C ASP C 40 22.20 -11.94 41.78
N GLU C 41 22.03 -10.92 42.62
CA GLU C 41 20.80 -10.11 42.60
C GLU C 41 21.13 -8.64 42.77
N ASN C 42 22.34 -8.24 42.43
CA ASN C 42 22.74 -6.84 42.44
C ASN C 42 23.69 -6.60 41.27
N PRO C 43 23.38 -5.66 40.38
CA PRO C 43 24.17 -5.49 39.16
C PRO C 43 25.63 -5.21 39.44
N GLN C 44 26.50 -5.83 38.66
CA GLN C 44 27.93 -5.63 38.72
C GLN C 44 28.39 -4.76 37.55
N GLN C 45 29.60 -4.24 37.66
CA GLN C 45 30.17 -3.47 36.56
C GLN C 45 30.62 -4.42 35.46
N LEU C 46 30.66 -3.89 34.23
CA LEU C 46 30.95 -4.69 33.05
C LEU C 46 32.37 -4.43 32.59
N LYS C 47 33.15 -5.50 32.43
CA LYS C 47 34.45 -5.38 31.81
C LYS C 47 34.30 -5.28 30.29
N LEU C 48 35.44 -5.16 29.61
CA LEU C 48 35.39 -4.95 28.16
C LEU C 48 36.76 -5.29 27.57
N GLU C 49 36.78 -6.12 26.54
CA GLU C 49 37.98 -6.44 25.79
C GLU C 49 37.71 -6.29 24.30
N LYS C 50 38.67 -5.74 23.57
CA LYS C 50 38.45 -5.46 22.16
C LYS C 50 38.37 -6.74 21.34
N GLY C 51 37.47 -6.75 20.37
CA GLY C 51 37.16 -7.91 19.58
C GLY C 51 35.90 -8.57 20.08
N ARG C 52 35.80 -8.67 21.39
CA ARG C 52 34.56 -8.99 22.09
C ARG C 52 33.90 -7.66 22.48
N MET C 53 33.01 -7.68 23.48
CA MET C 53 32.13 -6.58 23.85
C MET C 53 32.76 -5.20 23.64
N GLU C 54 32.06 -4.34 22.91
CA GLU C 54 32.57 -3.04 22.50
C GLU C 54 31.44 -2.02 22.55
N GLU C 55 31.78 -0.77 22.86
CA GLU C 55 30.79 0.27 23.06
C GLU C 55 31.07 1.47 22.16
N SER C 56 30.03 2.22 21.85
CA SER C 56 30.12 3.44 21.07
C SER C 56 29.04 4.40 21.54
N GLN C 57 29.04 5.61 20.98
CA GLN C 57 28.05 6.60 21.40
C GLN C 57 27.91 7.67 20.33
N ASN C 58 26.72 7.78 19.75
CA ASN C 58 26.38 8.88 18.87
C ASN C 58 25.72 9.98 19.70
N GLU C 59 25.07 10.94 19.04
CA GLU C 59 24.50 12.10 19.73
C GLU C 59 23.56 11.69 20.86
N SER C 60 22.49 10.98 20.54
CA SER C 60 21.51 10.55 21.53
C SER C 60 21.16 9.08 21.34
N LEU C 61 22.18 8.25 21.12
CA LEU C 61 21.98 6.82 20.94
C LEU C 61 23.28 6.13 21.31
N ALA C 62 23.29 5.44 22.43
CA ALA C 62 24.46 4.68 22.87
C ALA C 62 24.20 3.19 22.64
N THR C 63 25.23 2.48 22.19
CA THR C 63 25.07 1.10 21.78
C THR C 63 26.22 0.24 22.30
N LEU C 64 25.99 -1.07 22.32
CA LEU C 64 26.98 -2.06 22.73
C LEU C 64 26.86 -3.27 21.82
N THR C 65 27.99 -3.78 21.34
CA THR C 65 28.02 -4.93 20.45
C THR C 65 28.90 -6.02 21.02
N ILE C 66 28.46 -7.26 20.90
CA ILE C 66 29.22 -8.43 21.32
C ILE C 66 29.36 -9.35 20.11
N GLN C 67 30.59 -9.78 19.82
CA GLN C 67 30.87 -10.65 18.69
C GLN C 67 31.20 -12.05 19.18
N GLY C 68 30.65 -13.06 18.50
CA GLY C 68 30.92 -14.44 18.82
C GLY C 68 30.51 -14.82 20.23
N ILE C 69 29.20 -14.80 20.50
CA ILE C 69 28.70 -15.08 21.84
C ILE C 69 28.88 -16.55 22.17
N ARG C 70 28.78 -16.90 23.45
CA ARG C 70 28.91 -18.28 23.90
C ARG C 70 28.03 -18.48 25.13
N PHE C 71 28.19 -19.60 25.80
CA PHE C 71 27.23 -19.96 26.86
C PHE C 71 27.45 -19.18 28.15
N GLU C 72 28.54 -18.42 28.26
CA GLU C 72 28.83 -17.67 29.47
C GLU C 72 28.39 -16.21 29.37
N ASP C 73 27.34 -15.93 28.60
CA ASP C 73 26.85 -14.58 28.38
C ASP C 73 25.35 -14.48 28.61
N ASN C 74 24.80 -15.29 29.50
CA ASN C 74 23.36 -15.29 29.76
C ASN C 74 23.02 -14.42 30.97
N GLY C 75 23.06 -13.11 30.78
CA GLY C 75 22.74 -12.16 31.82
C GLY C 75 21.85 -11.03 31.32
N ILE C 76 21.47 -10.18 32.27
CA ILE C 76 20.64 -9.01 32.01
C ILE C 76 21.53 -7.78 32.04
N TYR C 77 21.53 -6.99 30.97
CA TYR C 77 22.43 -5.86 30.82
C TYR C 77 21.68 -4.54 31.05
N PHE C 78 22.24 -3.70 31.93
CA PHE C 78 21.59 -2.47 32.34
C PHE C 78 22.42 -1.27 31.89
N CYS C 79 21.76 -0.22 31.42
CA CYS C 79 22.42 1.03 31.08
C CYS C 79 22.02 2.09 32.11
N GLN C 80 23.01 2.78 32.65
CA GLN C 80 22.79 3.75 33.72
C GLN C 80 23.53 5.03 33.40
N GLN C 81 22.86 6.17 33.60
CA GLN C 81 23.44 7.49 33.33
C GLN C 81 22.93 8.46 34.39
N LYS C 82 23.79 8.79 35.35
CA LYS C 82 23.42 9.71 36.41
C LYS C 82 23.59 11.16 35.95
N CYS C 83 22.63 12.01 36.30
CA CYS C 83 22.72 13.42 35.96
C CYS C 83 23.84 14.09 36.75
N ASN C 84 24.75 14.73 36.03
CA ASN C 84 25.81 15.51 36.65
C ASN C 84 25.35 16.91 37.02
N ASN C 85 24.12 17.29 36.66
CA ASN C 85 23.58 18.59 36.98
C ASN C 85 22.52 18.55 38.07
N THR C 86 22.02 17.38 38.41
CA THR C 86 20.99 17.21 39.45
C THR C 86 21.32 16.13 40.46
N SER C 87 22.27 15.23 40.17
CA SER C 87 22.68 14.15 41.07
C SER C 87 21.53 13.19 41.37
N GLU C 88 21.04 12.57 40.30
CA GLU C 88 20.00 11.54 40.39
C GLU C 88 20.32 10.44 39.39
N VAL C 89 20.47 9.21 39.88
CA VAL C 89 20.73 8.08 39.00
C VAL C 89 19.45 7.67 38.29
N TYR C 90 19.49 7.58 36.97
CA TYR C 90 18.38 7.08 36.17
C TYR C 90 18.80 5.81 35.45
N GLN C 91 17.96 4.78 35.55
CA GLN C 91 18.33 3.45 35.11
C GLN C 91 17.14 2.80 34.40
N GLY C 92 17.40 2.20 33.24
CA GLY C 92 16.40 1.39 32.58
C GLY C 92 16.33 0.00 33.17
N CYS C 93 15.51 -0.86 32.55
CA CYS C 93 15.44 -2.24 32.98
C CYS C 93 16.10 -3.22 32.01
N GLY C 94 16.77 -2.72 30.98
CA GLY C 94 17.74 -3.52 30.27
C GLY C 94 17.26 -4.58 29.31
N THR C 95 18.08 -5.61 29.13
CA THR C 95 17.90 -6.62 28.10
C THR C 95 18.08 -7.99 28.73
N GLU C 96 17.88 -9.04 27.94
CA GLU C 96 18.20 -10.40 28.34
C GLU C 96 18.85 -11.09 27.15
N LEU C 97 19.67 -12.09 27.44
CA LEU C 97 20.35 -12.83 26.38
C LEU C 97 20.24 -14.32 26.64
N ARG C 98 20.05 -15.09 25.58
CA ARG C 98 20.06 -16.54 25.63
C ARG C 98 20.89 -17.05 24.45
N VAL C 99 21.50 -18.21 24.62
CA VAL C 99 22.40 -18.76 23.62
C VAL C 99 21.94 -20.17 23.27
N MET C 100 21.43 -20.35 22.06
CA MET C 100 20.89 -21.62 21.60
C MET C 100 21.96 -22.49 20.95
N GLY C 101 21.65 -23.78 20.82
CA GLY C 101 22.60 -24.73 20.29
C GLY C 101 22.42 -24.97 18.79
N PHE C 102 23.18 -25.94 18.29
CA PHE C 102 23.23 -26.21 16.86
C PHE C 102 22.29 -27.33 16.43
N SER C 103 21.63 -28.02 17.35
CA SER C 103 20.87 -29.23 17.02
C SER C 103 19.37 -28.95 17.04
N THR C 104 18.61 -29.95 16.59
CA THR C 104 17.16 -29.91 16.51
C THR C 104 16.56 -31.05 17.33
N LEU C 105 15.24 -31.24 17.21
CA LEU C 105 14.59 -32.36 17.89
C LEU C 105 14.94 -33.69 17.26
N ALA C 106 14.88 -33.77 15.93
CA ALA C 106 15.04 -35.05 15.24
C ALA C 106 16.44 -35.62 15.43
N GLN C 107 17.47 -34.80 15.28
CA GLN C 107 18.84 -35.30 15.39
C GLN C 107 19.14 -35.74 16.81
N LEU C 108 18.69 -34.96 17.79
CA LEU C 108 19.00 -35.26 19.20
C LEU C 108 18.45 -36.61 19.61
N LYS C 109 17.23 -36.91 19.18
CA LYS C 109 16.58 -38.15 19.59
C LYS C 109 17.34 -39.37 19.10
N GLN C 110 17.72 -39.35 17.82
CA GLN C 110 18.50 -40.43 17.23
C GLN C 110 19.86 -40.56 17.89
N ARG C 111 20.54 -39.43 18.11
CA ARG C 111 21.85 -39.49 18.73
C ARG C 111 21.77 -40.09 20.13
N ASN C 112 20.77 -39.69 20.91
CA ASN C 112 20.61 -40.23 22.26
C ASN C 112 20.36 -41.73 22.22
N THR C 113 19.45 -42.19 21.35
CA THR C 113 19.12 -43.61 21.35
C THR C 113 20.32 -44.44 20.88
N LEU C 114 21.06 -43.97 19.87
CA LEU C 114 22.25 -44.68 19.42
C LEU C 114 23.30 -44.72 20.52
N LYS C 115 23.48 -43.61 21.23
CA LYS C 115 24.48 -43.54 22.28
C LYS C 115 24.15 -44.49 23.41
N ASP C 116 22.88 -44.62 23.78
CA ASP C 116 22.51 -45.55 24.85
C ASP C 116 22.65 -47.00 24.40
N GLY C 117 22.25 -47.28 23.15
CA GLY C 117 22.45 -48.62 22.62
C GLY C 117 23.91 -49.03 22.61
N ILE C 118 24.80 -48.08 22.33
CA ILE C 118 26.23 -48.37 22.44
C ILE C 118 26.63 -48.54 23.90
N ILE C 119 26.10 -47.69 24.78
CA ILE C 119 26.57 -47.63 26.15
C ILE C 119 26.25 -48.88 26.94
N MET C 120 25.16 -49.59 26.60
CA MET C 120 24.90 -50.86 27.27
C MET C 120 25.82 -51.99 26.80
N ILE C 121 26.31 -51.92 25.56
CA ILE C 121 27.12 -53.00 25.00
C ILE C 121 28.42 -53.14 25.78
N GLN C 122 29.08 -52.02 26.09
CA GLN C 122 30.34 -52.10 26.81
C GLN C 122 30.15 -52.69 28.20
N THR C 123 29.04 -52.37 28.86
CA THR C 123 28.77 -52.99 30.15
C THR C 123 28.63 -54.50 30.01
N LEU C 124 27.88 -54.96 29.02
CA LEU C 124 27.71 -56.40 28.86
C LEU C 124 29.04 -57.08 28.55
N LEU C 125 29.86 -56.49 27.67
CA LEU C 125 31.12 -57.12 27.32
C LEU C 125 32.12 -57.06 28.46
N ILE C 126 32.10 -56.01 29.28
CA ILE C 126 33.00 -55.98 30.43
C ILE C 126 32.61 -57.06 31.43
N ILE C 127 31.30 -57.28 31.61
CA ILE C 127 30.87 -58.36 32.50
C ILE C 127 31.32 -59.70 31.96
N LEU C 128 31.16 -59.92 30.65
CA LEU C 128 31.60 -61.20 30.07
C LEU C 128 33.11 -61.36 30.18
N PHE C 129 33.88 -60.31 29.91
CA PHE C 129 35.33 -60.41 29.91
C PHE C 129 35.89 -60.49 31.31
N ILE C 130 35.07 -60.18 32.32
CA ILE C 130 35.56 -60.37 33.69
C ILE C 130 35.06 -61.69 34.27
N ILE C 131 34.01 -62.28 33.68
CA ILE C 131 33.45 -63.50 34.25
C ILE C 131 33.98 -64.75 33.55
N VAL C 132 34.27 -64.67 32.26
CA VAL C 132 34.69 -65.85 31.50
C VAL C 132 36.09 -66.31 31.90
N PRO C 133 37.12 -65.46 31.87
CA PRO C 133 38.47 -65.96 32.15
C PRO C 133 38.63 -66.52 33.56
N ILE C 134 37.95 -65.93 34.55
CA ILE C 134 38.08 -66.46 35.91
C ILE C 134 37.44 -67.84 36.02
N PHE C 135 36.28 -68.03 35.38
CA PHE C 135 35.64 -69.34 35.35
C PHE C 135 36.46 -70.36 34.56
N LEU C 136 37.23 -69.91 33.57
CA LEU C 136 38.04 -70.84 32.78
C LEU C 136 39.30 -71.23 33.54
N LEU C 137 40.02 -70.26 34.09
CA LEU C 137 41.29 -70.53 34.75
C LEU C 137 41.10 -71.17 36.12
N LEU C 138 40.04 -70.83 36.84
CA LEU C 138 39.82 -71.42 38.15
C LEU C 138 39.56 -72.92 38.09
N ASP C 139 39.15 -73.43 36.93
CA ASP C 139 38.94 -74.85 36.71
C ASP C 139 37.95 -75.46 37.71
N LEU D 1 -53.37 45.14 -24.99
CA LEU D 1 -52.28 44.68 -25.85
C LEU D 1 -51.26 43.88 -25.04
N PRO D 2 -51.28 42.56 -25.19
CA PRO D 2 -50.30 41.72 -24.50
C PRO D 2 -48.88 42.05 -24.93
N PRO D 3 -47.92 42.04 -24.02
CA PRO D 3 -46.54 42.35 -24.38
C PRO D 3 -45.85 41.14 -24.99
N LYS D 4 -44.70 41.41 -25.61
CA LYS D 4 -43.83 40.37 -26.15
C LYS D 4 -42.77 40.05 -25.10
N VAL D 5 -42.96 38.95 -24.39
CA VAL D 5 -42.09 38.59 -23.28
C VAL D 5 -40.85 37.90 -23.84
N SER D 6 -39.67 38.38 -23.43
CA SER D 6 -38.41 37.79 -23.84
C SER D 6 -37.51 37.63 -22.62
N VAL D 7 -36.60 36.66 -22.71
CA VAL D 7 -35.67 36.36 -21.62
C VAL D 7 -34.26 36.31 -22.19
N PHE D 8 -33.32 36.97 -21.51
CA PHE D 8 -31.94 37.05 -21.96
C PHE D 8 -31.01 36.59 -20.84
N VAL D 9 -29.93 35.94 -21.21
CA VAL D 9 -28.99 35.37 -20.25
C VAL D 9 -27.60 35.89 -20.58
N PRO D 10 -26.69 35.88 -19.61
CA PRO D 10 -25.33 36.37 -19.88
C PRO D 10 -24.44 35.26 -20.38
N PRO D 11 -23.36 35.59 -21.08
CA PRO D 11 -22.40 34.55 -21.48
C PRO D 11 -21.62 34.05 -20.28
N ARG D 12 -20.99 32.89 -20.46
CA ARG D 12 -20.29 32.25 -19.35
C ARG D 12 -19.12 33.10 -18.86
N ASP D 13 -18.53 33.92 -19.72
CA ASP D 13 -17.46 34.84 -19.34
C ASP D 13 -18.02 36.22 -19.03
N GLY D 14 -18.95 36.26 -18.08
CA GLY D 14 -19.59 37.51 -17.73
C GLY D 14 -19.75 37.72 -16.24
N PHE D 15 -19.12 36.85 -15.44
CA PHE D 15 -19.22 36.93 -14.00
C PHE D 15 -18.01 37.65 -13.42
N PHE D 16 -18.25 38.53 -12.45
CA PHE D 16 -17.20 39.35 -11.87
C PHE D 16 -17.50 39.58 -10.39
N GLY D 17 -16.46 39.96 -9.64
CA GLY D 17 -16.60 40.30 -8.25
C GLY D 17 -16.24 39.14 -7.33
N ASN D 18 -16.36 39.41 -6.03
CA ASN D 18 -16.10 38.42 -4.99
C ASN D 18 -17.19 38.49 -3.94
N PRO D 19 -18.13 37.52 -3.94
CA PRO D 19 -18.24 36.39 -4.84
C PRO D 19 -18.74 36.80 -6.23
N ARG D 20 -18.38 36.04 -7.26
CA ARG D 20 -18.69 36.43 -8.63
C ARG D 20 -20.19 36.42 -8.86
N LYS D 21 -20.67 37.44 -9.56
CA LYS D 21 -22.11 37.65 -9.76
C LYS D 21 -22.37 38.14 -11.17
N SER D 22 -23.64 38.01 -11.58
CA SER D 22 -24.08 38.48 -12.90
C SER D 22 -25.55 38.89 -12.77
N LYS D 23 -26.21 39.05 -13.92
CA LYS D 23 -27.59 39.50 -13.96
C LYS D 23 -28.36 38.75 -15.03
N LEU D 24 -29.69 38.80 -14.91
CA LEU D 24 -30.61 38.27 -15.91
C LEU D 24 -31.62 39.36 -16.24
N ILE D 25 -32.06 39.41 -17.49
CA ILE D 25 -32.99 40.44 -17.95
C ILE D 25 -34.24 39.77 -18.50
N CYS D 26 -35.39 40.15 -17.95
CA CYS D 26 -36.70 39.74 -18.46
C CYS D 26 -37.43 40.99 -18.93
N GLN D 27 -37.61 41.13 -20.24
CA GLN D 27 -38.15 42.34 -20.84
C GLN D 27 -39.38 42.00 -21.65
N ALA D 28 -40.37 42.89 -21.62
CA ALA D 28 -41.62 42.72 -22.36
C ALA D 28 -42.15 44.11 -22.73
N THR D 29 -42.01 44.48 -24.00
CA THR D 29 -42.43 45.78 -24.50
C THR D 29 -43.66 45.62 -25.40
N GLY D 30 -44.09 46.74 -25.97
CA GLY D 30 -45.23 46.75 -26.86
C GLY D 30 -46.55 46.39 -26.21
N PHE D 31 -46.83 46.94 -25.03
CA PHE D 31 -48.06 46.63 -24.31
C PHE D 31 -48.78 47.92 -23.94
N SER D 32 -50.10 47.82 -23.83
CA SER D 32 -50.96 48.92 -23.41
C SER D 32 -52.23 48.30 -22.84
N PRO D 33 -52.78 48.85 -21.76
CA PRO D 33 -52.36 50.06 -21.03
C PRO D 33 -51.23 49.80 -20.04
N ARG D 34 -51.06 50.71 -19.07
CA ARG D 34 -49.92 50.65 -18.16
C ARG D 34 -50.05 49.55 -17.10
N GLN D 35 -51.21 48.92 -16.98
CA GLN D 35 -51.41 47.88 -15.97
C GLN D 35 -50.54 46.67 -16.31
N ILE D 36 -49.50 46.44 -15.51
CA ILE D 36 -48.58 45.32 -15.74
C ILE D 36 -47.84 45.04 -14.44
N GLN D 37 -47.59 43.76 -14.18
CA GLN D 37 -46.84 43.32 -13.02
C GLN D 37 -45.83 42.26 -13.45
N VAL D 38 -44.70 42.21 -12.74
CA VAL D 38 -43.61 41.30 -13.06
C VAL D 38 -43.15 40.61 -11.79
N SER D 39 -42.96 39.29 -11.87
CA SER D 39 -42.47 38.49 -10.75
C SER D 39 -41.41 37.51 -11.24
N TRP D 40 -40.32 37.42 -10.50
CA TRP D 40 -39.27 36.46 -10.79
C TRP D 40 -39.51 35.15 -10.03
N LEU D 41 -38.91 34.08 -10.51
CA LEU D 41 -39.11 32.77 -9.93
C LEU D 41 -37.83 31.95 -10.01
N ARG D 42 -37.61 31.11 -9.00
CA ARG D 42 -36.44 30.23 -8.93
C ARG D 42 -36.94 28.83 -8.61
N GLU D 43 -37.08 28.00 -9.63
CA GLU D 43 -37.66 26.64 -9.57
C GLU D 43 -38.82 26.58 -8.58
N GLY D 44 -39.82 27.43 -8.81
CA GLY D 44 -41.01 27.46 -8.00
C GLY D 44 -40.96 28.40 -6.81
N LYS D 45 -39.81 28.99 -6.51
CA LYS D 45 -39.66 29.91 -5.40
C LYS D 45 -39.39 31.30 -5.92
N GLN D 46 -40.17 32.28 -5.47
CA GLN D 46 -39.98 33.67 -5.85
C GLN D 46 -39.10 34.37 -4.83
N VAL D 47 -38.06 35.05 -5.31
CA VAL D 47 -37.12 35.76 -4.45
C VAL D 47 -37.20 37.24 -4.81
N GLY D 48 -37.43 38.09 -3.81
CA GLY D 48 -37.56 39.52 -4.05
C GLY D 48 -36.25 40.27 -4.05
N SER D 49 -35.18 39.63 -3.58
CA SER D 49 -33.89 40.30 -3.51
C SER D 49 -33.29 40.47 -4.90
N GLY D 50 -32.64 41.63 -5.09
CA GLY D 50 -32.01 41.92 -6.37
C GLY D 50 -32.98 42.02 -7.53
N VAL D 51 -34.15 42.60 -7.30
CA VAL D 51 -35.15 42.79 -8.35
C VAL D 51 -35.30 44.29 -8.57
N THR D 52 -35.09 44.72 -9.81
CA THR D 52 -35.11 46.14 -10.18
C THR D 52 -36.06 46.31 -11.37
N THR D 53 -37.33 46.55 -11.08
CA THR D 53 -38.32 46.81 -12.12
C THR D 53 -38.41 48.31 -12.39
N ASP D 54 -38.39 48.67 -13.67
CA ASP D 54 -38.47 50.08 -14.04
C ASP D 54 -39.93 50.52 -14.08
N GLN D 55 -40.11 51.85 -14.14
CA GLN D 55 -41.44 52.42 -14.21
C GLN D 55 -42.06 52.15 -15.58
N VAL D 56 -43.38 52.25 -15.64
CA VAL D 56 -44.11 52.03 -16.88
C VAL D 56 -44.04 53.30 -17.72
N GLN D 57 -43.04 53.37 -18.59
CA GLN D 57 -42.82 54.55 -19.43
C GLN D 57 -43.37 54.29 -20.83
N ALA D 58 -44.00 55.32 -21.40
CA ALA D 58 -44.59 55.20 -22.73
C ALA D 58 -43.50 54.98 -23.77
N GLU D 59 -43.75 54.03 -24.67
CA GLU D 59 -42.79 53.74 -25.74
C GLU D 59 -42.74 54.89 -26.72
N ALA D 60 -41.53 55.21 -27.19
CA ALA D 60 -41.33 56.29 -28.16
C ALA D 60 -41.68 55.75 -29.54
N LYS D 61 -42.90 56.04 -29.98
CA LYS D 61 -43.41 55.58 -31.26
C LYS D 61 -43.85 56.77 -32.11
N GLU D 62 -43.72 56.61 -33.42
CA GLU D 62 -44.04 57.68 -34.36
C GLU D 62 -45.46 57.59 -34.91
N SER D 63 -46.05 56.39 -34.95
CA SER D 63 -47.38 56.21 -35.50
C SER D 63 -48.17 55.24 -34.64
N GLY D 64 -49.49 55.36 -34.70
CA GLY D 64 -50.38 54.49 -33.95
C GLY D 64 -50.51 54.91 -32.50
N PRO D 65 -51.34 54.20 -31.74
CA PRO D 65 -51.46 54.49 -30.31
C PRO D 65 -50.15 54.25 -29.59
N THR D 66 -49.87 55.09 -28.60
CA THR D 66 -48.61 55.01 -27.86
C THR D 66 -48.71 53.94 -26.78
N THR D 67 -47.83 52.94 -26.86
CA THR D 67 -47.78 51.86 -25.88
C THR D 67 -46.70 52.16 -24.84
N TYR D 68 -46.43 51.19 -23.99
CA TYR D 68 -45.50 51.36 -22.87
C TYR D 68 -44.44 50.26 -22.90
N LYS D 69 -43.40 50.47 -22.11
CA LYS D 69 -42.30 49.52 -21.99
C LYS D 69 -41.95 49.33 -20.53
N VAL D 70 -41.35 48.18 -20.21
CA VAL D 70 -40.95 47.84 -18.85
C VAL D 70 -39.71 46.96 -18.93
N THR D 71 -38.83 47.09 -17.94
CA THR D 71 -37.62 46.29 -17.85
C THR D 71 -37.48 45.75 -16.44
N SER D 72 -37.20 44.45 -16.33
CA SER D 72 -37.01 43.78 -15.05
C SER D 72 -35.65 43.10 -15.05
N THR D 73 -35.02 43.06 -13.87
CA THR D 73 -33.67 42.50 -13.74
C THR D 73 -33.56 41.70 -12.46
N LEU D 74 -32.72 40.66 -12.49
CA LEU D 74 -32.48 39.80 -11.35
C LEU D 74 -30.98 39.56 -11.21
N THR D 75 -30.53 39.40 -9.97
CA THR D 75 -29.13 39.14 -9.65
C THR D 75 -29.00 37.72 -9.10
N ILE D 76 -28.01 36.98 -9.60
CA ILE D 76 -27.76 35.61 -9.19
C ILE D 76 -26.27 35.44 -8.93
N LYS D 77 -25.93 34.38 -8.20
CA LYS D 77 -24.55 33.97 -8.00
C LYS D 77 -24.16 32.99 -9.10
N GLU D 78 -22.85 32.86 -9.32
CA GLU D 78 -22.39 32.02 -10.43
C GLU D 78 -22.54 30.53 -10.10
N SER D 79 -22.31 30.15 -8.85
CA SER D 79 -22.40 28.74 -8.49
C SER D 79 -23.81 28.20 -8.68
N ASP D 80 -24.81 29.07 -8.62
CA ASP D 80 -26.18 28.65 -8.93
C ASP D 80 -26.37 28.48 -10.43
N TRP D 81 -25.83 29.39 -11.22
CA TRP D 81 -25.97 29.31 -12.68
C TRP D 81 -25.27 28.08 -13.23
N LEU D 82 -24.08 27.76 -12.72
CA LEU D 82 -23.31 26.64 -13.23
C LEU D 82 -23.80 25.30 -12.70
N GLY D 83 -24.72 25.30 -11.75
CA GLY D 83 -25.27 24.08 -11.18
C GLY D 83 -26.48 23.53 -11.92
N GLN D 84 -26.80 24.09 -13.08
CA GLN D 84 -27.90 23.61 -13.92
C GLN D 84 -29.25 23.75 -13.21
N SER D 85 -29.51 24.93 -12.69
CA SER D 85 -30.82 25.27 -12.15
C SER D 85 -31.58 26.15 -13.14
N MET D 86 -32.91 26.07 -13.09
CA MET D 86 -33.77 26.74 -14.05
C MET D 86 -34.43 27.96 -13.39
N PHE D 87 -34.25 29.12 -14.02
CA PHE D 87 -34.91 30.35 -13.61
C PHE D 87 -35.95 30.73 -14.64
N THR D 88 -37.09 31.24 -14.18
CA THR D 88 -38.16 31.68 -15.05
C THR D 88 -38.73 33.01 -14.57
N CYS D 89 -39.14 33.83 -15.53
CA CYS D 89 -39.74 35.13 -15.24
C CYS D 89 -41.20 35.13 -15.67
N ARG D 90 -42.06 35.69 -14.84
CA ARG D 90 -43.50 35.73 -15.08
C ARG D 90 -43.96 37.17 -15.11
N VAL D 91 -44.73 37.53 -16.13
CA VAL D 91 -45.26 38.88 -16.32
C VAL D 91 -46.79 38.80 -16.31
N ASP D 92 -47.41 39.68 -15.53
CA ASP D 92 -48.87 39.73 -15.39
C ASP D 92 -49.37 41.04 -16.00
N HIS D 93 -49.80 40.98 -17.25
CA HIS D 93 -50.38 42.12 -17.95
C HIS D 93 -51.90 41.99 -17.93
N ARG D 94 -52.56 42.95 -17.26
CA ARG D 94 -54.02 42.93 -17.09
C ARG D 94 -54.50 41.62 -16.47
N GLY D 95 -53.73 41.08 -15.53
CA GLY D 95 -54.10 39.83 -14.89
C GLY D 95 -53.89 38.59 -15.72
N LEU D 96 -53.05 38.65 -16.75
CA LEU D 96 -52.77 37.51 -17.61
C LEU D 96 -51.34 37.06 -17.37
N THR D 97 -51.15 35.78 -17.05
CA THR D 97 -49.86 35.27 -16.64
C THR D 97 -49.10 34.72 -17.85
N PHE D 98 -47.89 35.23 -18.05
CA PHE D 98 -46.99 34.77 -19.13
C PHE D 98 -45.67 34.35 -18.49
N GLN D 99 -45.28 33.10 -18.69
CA GLN D 99 -44.06 32.55 -18.11
C GLN D 99 -43.12 32.11 -19.23
N GLN D 100 -41.81 32.20 -18.98
CA GLN D 100 -40.80 31.86 -19.97
C GLN D 100 -39.62 31.17 -19.28
N ASN D 101 -39.08 30.14 -19.93
CA ASN D 101 -37.98 29.38 -19.35
C ASN D 101 -36.64 30.07 -19.57
N ALA D 102 -35.66 29.65 -18.77
CA ALA D 102 -34.26 30.07 -18.93
C ALA D 102 -33.35 29.20 -18.09
N SER D 103 -32.29 28.67 -18.69
CA SER D 103 -31.33 27.83 -17.98
C SER D 103 -30.06 27.72 -18.79
N SER D 104 -28.99 27.28 -18.13
CA SER D 104 -27.69 27.13 -18.77
C SER D 104 -27.49 25.67 -19.15
N MET D 105 -28.31 25.20 -20.08
CA MET D 105 -28.22 23.81 -20.52
C MET D 105 -28.39 23.64 -22.02
N CYS D 106 -28.21 24.69 -22.82
CA CYS D 106 -28.37 24.55 -24.27
C CYS D 106 -27.09 24.06 -24.91
N VAL D 107 -26.53 22.98 -24.37
CA VAL D 107 -25.32 22.34 -24.90
C VAL D 107 -25.59 21.35 -26.05
N PRO D 108 -26.64 20.52 -26.01
CA PRO D 108 -26.63 19.32 -26.87
C PRO D 108 -26.58 19.65 -28.35
N ASP D 109 -25.85 18.82 -29.10
CA ASP D 109 -25.77 18.90 -30.56
C ASP D 109 -25.80 17.46 -31.08
N GLN D 110 -27.01 16.97 -31.37
CA GLN D 110 -27.21 15.59 -31.80
C GLN D 110 -26.66 15.42 -33.21
N ASP D 111 -25.50 14.79 -33.31
CA ASP D 111 -24.84 14.56 -34.60
C ASP D 111 -24.16 13.19 -34.55
N THR D 112 -23.33 12.92 -35.56
CA THR D 112 -22.63 11.66 -35.68
C THR D 112 -21.26 11.69 -35.00
N ALA D 113 -20.90 12.81 -34.38
CA ALA D 113 -19.60 12.95 -33.71
C ALA D 113 -19.42 11.91 -32.63
N ILE D 114 -18.45 11.03 -32.80
CA ILE D 114 -18.19 9.93 -31.88
C ILE D 114 -16.69 9.88 -31.56
N ARG D 115 -16.36 9.19 -30.48
CA ARG D 115 -14.98 9.04 -30.07
C ARG D 115 -14.32 7.91 -30.86
N VAL D 116 -13.26 8.24 -31.58
CA VAL D 116 -12.50 7.28 -32.38
C VAL D 116 -11.08 7.28 -31.85
N PHE D 117 -10.63 6.13 -31.35
CA PHE D 117 -9.30 5.99 -30.80
C PHE D 117 -8.79 4.59 -31.12
N ALA D 118 -7.63 4.24 -30.57
CA ALA D 118 -6.99 2.97 -30.87
C ALA D 118 -6.31 2.43 -29.62
N ILE D 119 -6.09 1.12 -29.62
CA ILE D 119 -5.34 0.44 -28.57
C ILE D 119 -4.06 -0.10 -29.19
N PRO D 120 -2.89 0.32 -28.70
CA PRO D 120 -1.63 -0.16 -29.28
C PRO D 120 -1.40 -1.62 -28.95
N PRO D 121 -0.58 -2.31 -29.75
CA PRO D 121 -0.30 -3.73 -29.47
C PRO D 121 0.58 -3.92 -28.24
N SER D 122 0.06 -4.58 -27.21
CA SER D 122 0.85 -4.85 -26.03
C SER D 122 1.97 -5.85 -26.37
N PHE D 123 2.92 -5.98 -25.44
CA PHE D 123 4.06 -6.86 -25.72
C PHE D 123 3.67 -8.32 -25.66
N ALA D 124 2.59 -8.66 -24.97
CA ALA D 124 2.12 -10.05 -24.96
C ALA D 124 1.70 -10.49 -26.34
N SER D 125 1.02 -9.63 -27.09
CA SER D 125 0.52 -10.00 -28.40
C SER D 125 1.65 -10.24 -29.40
N ILE D 126 2.67 -9.37 -29.40
CA ILE D 126 3.74 -9.48 -30.39
C ILE D 126 4.65 -10.67 -30.12
N PHE D 127 4.96 -10.96 -28.86
CA PHE D 127 5.90 -12.05 -28.57
C PHE D 127 5.29 -13.42 -28.81
N LEU D 128 4.00 -13.59 -28.45
CA LEU D 128 3.38 -14.90 -28.54
C LEU D 128 3.28 -15.38 -29.99
N THR D 129 2.90 -14.49 -30.91
CA THR D 129 2.51 -14.91 -32.25
C THR D 129 3.26 -14.21 -33.37
N LYS D 130 4.13 -13.24 -33.07
CA LYS D 130 4.79 -12.42 -34.09
C LYS D 130 3.74 -11.83 -35.04
N SER D 131 2.67 -11.31 -34.44
CA SER D 131 1.47 -10.86 -35.15
C SER D 131 1.16 -9.43 -34.79
N THR D 132 2.14 -8.55 -34.93
CA THR D 132 1.95 -7.13 -34.70
C THR D 132 0.73 -6.64 -35.46
N LYS D 133 -0.29 -6.18 -34.75
CA LYS D 133 -1.50 -5.63 -35.34
C LYS D 133 -2.04 -4.53 -34.42
N LEU D 134 -2.88 -3.66 -34.97
CA LEU D 134 -3.45 -2.56 -34.22
C LEU D 134 -4.94 -2.49 -34.48
N THR D 135 -5.69 -2.01 -33.48
CA THR D 135 -7.15 -2.04 -33.50
C THR D 135 -7.68 -0.63 -33.32
N CYS D 136 -8.61 -0.22 -34.20
CA CYS D 136 -9.29 1.07 -34.10
C CYS D 136 -10.73 0.82 -33.69
N LEU D 137 -11.06 1.13 -32.44
CA LEU D 137 -12.38 0.88 -31.88
C LEU D 137 -13.30 2.06 -32.15
N VAL D 138 -14.56 1.76 -32.47
CA VAL D 138 -15.55 2.78 -32.80
C VAL D 138 -16.80 2.51 -31.96
N THR D 139 -17.24 3.54 -31.23
CA THR D 139 -18.46 3.45 -30.43
C THR D 139 -19.34 4.67 -30.69
N ASP D 140 -20.43 4.80 -29.92
CA ASP D 140 -21.36 5.94 -29.99
C ASP D 140 -21.99 6.07 -31.38
N LEU D 141 -22.00 5.00 -32.16
CA LEU D 141 -22.58 5.01 -33.50
C LEU D 141 -23.45 3.77 -33.66
N THR D 142 -24.52 3.90 -34.43
CA THR D 142 -25.43 2.78 -34.68
C THR D 142 -25.18 2.23 -36.09
N THR D 143 -26.04 1.30 -36.51
CA THR D 143 -25.84 0.59 -37.77
C THR D 143 -26.06 1.54 -38.94
N TYR D 144 -24.99 1.83 -39.67
CA TYR D 144 -25.07 2.56 -40.94
C TYR D 144 -24.42 1.72 -42.04
N ASP D 145 -24.30 2.34 -43.21
CA ASP D 145 -23.58 1.78 -44.34
C ASP D 145 -22.40 2.68 -44.70
N SER D 146 -21.46 2.12 -45.45
CA SER D 146 -20.24 2.82 -45.87
C SER D 146 -19.41 3.29 -44.68
N VAL D 147 -19.49 2.55 -43.57
CA VAL D 147 -18.68 2.85 -42.39
C VAL D 147 -17.34 2.16 -42.60
N THR D 148 -16.43 2.87 -43.26
CA THR D 148 -15.15 2.31 -43.68
C THR D 148 -14.04 2.83 -42.78
N ILE D 149 -13.24 1.90 -42.27
CA ILE D 149 -12.09 2.22 -41.42
C ILE D 149 -10.82 2.03 -42.24
N SER D 150 -9.99 3.06 -42.31
CA SER D 150 -8.74 3.02 -43.07
C SER D 150 -7.58 3.37 -42.15
N TRP D 151 -6.78 2.37 -41.79
CA TRP D 151 -5.56 2.57 -41.03
C TRP D 151 -4.48 3.26 -41.86
N THR D 152 -4.70 4.53 -42.19
CA THR D 152 -3.82 5.24 -43.09
C THR D 152 -2.39 5.27 -42.58
N ARG D 153 -1.44 5.04 -43.48
CA ARG D 153 -0.03 5.08 -43.16
C ARG D 153 0.41 6.54 -43.14
N GLN D 154 1.73 6.77 -43.13
CA GLN D 154 2.24 8.14 -43.18
C GLN D 154 1.79 8.87 -44.44
N ASN D 155 1.55 8.13 -45.53
CA ASN D 155 1.10 8.71 -46.78
C ASN D 155 -0.18 8.05 -47.29
N GLY D 156 -0.89 7.36 -46.39
CA GLY D 156 -2.16 6.75 -46.75
C GLY D 156 -2.04 5.62 -47.75
N GLU D 157 -1.47 4.50 -47.32
CA GLU D 157 -1.20 3.36 -48.19
C GLU D 157 -2.26 2.28 -47.99
N ALA D 158 -2.02 1.12 -48.60
CA ALA D 158 -3.01 0.04 -48.60
C ALA D 158 -3.25 -0.50 -47.19
N VAL D 159 -4.50 -0.87 -46.92
CA VAL D 159 -4.92 -1.33 -45.61
C VAL D 159 -5.90 -2.47 -45.78
N LYS D 160 -5.72 -3.55 -45.01
CA LYS D 160 -6.69 -4.63 -44.98
C LYS D 160 -7.76 -4.29 -43.96
N THR D 161 -8.98 -4.05 -44.44
CA THR D 161 -10.06 -3.63 -43.57
C THR D 161 -10.51 -4.77 -42.66
N HIS D 162 -11.21 -4.39 -41.60
CA HIS D 162 -11.65 -5.37 -40.61
C HIS D 162 -12.82 -6.20 -41.15
N THR D 163 -12.97 -7.38 -40.58
CA THR D 163 -14.02 -8.35 -40.89
C THR D 163 -14.84 -8.61 -39.64
N ASN D 164 -15.67 -9.66 -39.72
CA ASN D 164 -16.46 -10.20 -38.59
C ASN D 164 -17.03 -9.10 -37.68
N ILE D 165 -17.72 -8.16 -38.32
CA ILE D 165 -18.36 -7.08 -37.60
C ILE D 165 -19.38 -7.65 -36.61
N SER D 166 -19.39 -7.07 -35.41
CA SER D 166 -20.20 -7.60 -34.32
C SER D 166 -21.66 -7.17 -34.48
N GLU D 167 -22.48 -7.47 -33.48
CA GLU D 167 -23.89 -7.11 -33.50
C GLU D 167 -24.07 -5.68 -33.00
N SER D 168 -25.33 -5.24 -32.93
CA SER D 168 -25.62 -3.93 -32.36
C SER D 168 -25.30 -3.92 -30.87
N HIS D 169 -24.63 -2.86 -30.42
CA HIS D 169 -24.29 -2.74 -29.02
C HIS D 169 -25.55 -2.53 -28.18
N PRO D 170 -25.54 -2.95 -26.92
CA PRO D 170 -26.72 -2.78 -26.07
C PRO D 170 -27.10 -1.31 -25.81
N ASN D 171 -26.32 -0.36 -26.31
CA ASN D 171 -26.67 1.05 -26.15
C ASN D 171 -27.73 1.49 -27.13
N ALA D 172 -28.11 0.60 -28.06
CA ALA D 172 -28.77 0.85 -29.35
C ALA D 172 -27.74 1.34 -30.37
N THR D 173 -26.46 1.29 -30.02
CA THR D 173 -25.38 1.69 -30.92
C THR D 173 -24.79 0.47 -31.61
N PHE D 174 -23.67 0.68 -32.30
CA PHE D 174 -22.99 -0.35 -33.07
C PHE D 174 -21.49 -0.22 -32.85
N SER D 175 -20.82 -1.35 -32.68
CA SER D 175 -19.39 -1.38 -32.39
C SER D 175 -18.64 -1.83 -33.65
N ALA D 176 -17.88 -0.90 -34.24
CA ALA D 176 -17.06 -1.19 -35.42
C ALA D 176 -15.64 -1.46 -34.95
N VAL D 177 -15.24 -2.73 -34.95
CA VAL D 177 -13.94 -3.15 -34.44
C VAL D 177 -12.98 -3.15 -35.63
N GLY D 178 -12.41 -1.98 -35.91
CA GLY D 178 -11.46 -1.87 -36.99
C GLY D 178 -10.17 -2.61 -36.67
N GLU D 179 -9.53 -3.14 -37.72
CA GLU D 179 -8.33 -3.92 -37.57
C GLU D 179 -7.63 -4.01 -38.93
N ALA D 180 -6.30 -4.02 -38.90
CA ALA D 180 -5.50 -4.10 -40.12
C ALA D 180 -4.13 -4.67 -39.79
N SER D 181 -3.75 -5.73 -40.50
CA SER D 181 -2.42 -6.32 -40.31
C SER D 181 -1.34 -5.33 -40.73
N ILE D 182 -0.19 -5.41 -40.05
CA ILE D 182 0.84 -4.39 -40.14
C ILE D 182 2.21 -5.04 -40.08
N CYS D 183 3.20 -4.38 -40.67
CA CYS D 183 4.58 -4.81 -40.60
C CYS D 183 5.12 -4.60 -39.19
N GLU D 184 6.38 -4.99 -38.98
CA GLU D 184 6.97 -4.95 -37.65
C GLU D 184 7.78 -3.67 -37.41
N ASP D 185 8.80 -3.43 -38.25
CA ASP D 185 9.74 -2.34 -37.97
C ASP D 185 9.13 -0.96 -38.20
N ASP D 186 8.03 -0.88 -38.96
CA ASP D 186 7.41 0.41 -39.18
C ASP D 186 6.86 0.99 -37.88
N TRP D 187 6.25 0.14 -37.04
CA TRP D 187 5.70 0.61 -35.78
C TRP D 187 6.79 1.06 -34.82
N ASN D 188 7.93 0.36 -34.81
CA ASN D 188 9.02 0.77 -33.93
C ASN D 188 9.70 2.05 -34.40
N SER D 189 9.41 2.51 -35.61
CA SER D 189 10.10 3.65 -36.21
C SER D 189 9.39 4.98 -35.98
N GLY D 190 8.28 5.00 -35.23
CA GLY D 190 7.55 6.23 -35.01
C GLY D 190 6.86 6.73 -36.26
N GLU D 191 6.00 5.90 -36.83
CA GLU D 191 5.27 6.22 -38.04
C GLU D 191 3.82 6.56 -37.68
N ARG D 192 3.21 7.41 -38.48
CA ARG D 192 1.88 7.93 -38.19
C ARG D 192 0.83 6.96 -38.73
N PHE D 193 0.01 6.43 -37.82
CA PHE D 193 -1.08 5.52 -38.15
C PHE D 193 -2.39 6.12 -37.69
N THR D 194 -3.21 6.56 -38.65
CA THR D 194 -4.52 7.16 -38.39
C THR D 194 -5.59 6.23 -38.97
N CYS D 195 -6.60 5.91 -38.18
CA CYS D 195 -7.74 5.16 -38.71
C CYS D 195 -8.80 6.16 -39.14
N THR D 196 -8.68 6.65 -40.37
CA THR D 196 -9.69 7.54 -40.93
C THR D 196 -10.98 6.76 -41.13
N VAL D 197 -12.09 7.33 -40.65
CA VAL D 197 -13.38 6.65 -40.66
C VAL D 197 -14.31 7.42 -41.58
N THR D 198 -14.83 6.73 -42.59
CA THR D 198 -15.81 7.31 -43.50
C THR D 198 -17.21 6.95 -43.05
N HIS D 199 -18.14 7.89 -43.22
CA HIS D 199 -19.50 7.71 -42.75
C HIS D 199 -20.49 8.19 -43.81
N THR D 200 -21.68 7.61 -43.76
CA THR D 200 -22.77 8.10 -44.61
C THR D 200 -23.37 9.39 -44.06
N ASP D 201 -23.42 9.52 -42.73
CA ASP D 201 -24.01 10.71 -42.12
C ASP D 201 -23.01 11.86 -42.06
N LEU D 202 -21.91 11.67 -41.31
CA LEU D 202 -20.87 12.68 -41.17
C LEU D 202 -19.54 12.10 -41.62
N PRO D 203 -19.09 12.37 -42.85
CA PRO D 203 -17.88 11.72 -43.36
C PRO D 203 -16.59 12.36 -42.85
N SER D 204 -16.68 13.18 -41.81
CA SER D 204 -15.49 13.82 -41.26
C SER D 204 -14.60 12.77 -40.61
N PRO D 205 -13.34 12.61 -41.04
CA PRO D 205 -12.48 11.58 -40.46
C PRO D 205 -11.75 12.06 -39.22
N LEU D 206 -11.89 11.32 -38.12
CA LEU D 206 -11.17 11.62 -36.89
C LEU D 206 -9.81 10.92 -36.95
N LYS D 207 -8.75 11.70 -37.13
CA LYS D 207 -7.41 11.17 -37.33
C LYS D 207 -6.58 11.30 -36.06
N GLN D 208 -5.94 10.20 -35.68
CA GLN D 208 -5.05 10.16 -34.52
C GLN D 208 -3.73 9.56 -34.96
N THR D 209 -2.68 10.38 -35.02
CA THR D 209 -1.36 9.92 -35.46
C THR D 209 -0.63 9.21 -34.33
N ILE D 210 -1.13 8.00 -34.00
CA ILE D 210 -0.53 7.22 -32.93
C ILE D 210 0.80 6.65 -33.39
N SER D 211 1.72 6.46 -32.43
CA SER D 211 3.05 5.95 -32.72
C SER D 211 3.68 5.49 -31.41
N ARG D 212 4.88 4.94 -31.53
CA ARG D 212 5.60 4.45 -30.34
C ARG D 212 6.16 5.63 -29.55
N PRO D 213 5.87 5.74 -28.25
CA PRO D 213 6.40 6.85 -27.46
C PRO D 213 7.88 6.71 -27.17
N LYS D 214 8.72 7.19 -28.10
CA LYS D 214 10.17 7.19 -27.88
C LYS D 214 10.50 7.85 -26.55
N GLY D 215 11.48 7.28 -25.85
CA GLY D 215 11.70 7.65 -24.46
C GLY D 215 12.70 6.82 -23.70
N VAL D 216 12.26 6.27 -22.56
CA VAL D 216 13.11 5.65 -21.54
C VAL D 216 14.09 4.66 -22.14
N ALA D 217 15.26 4.54 -21.51
CA ALA D 217 16.34 3.71 -22.00
C ALA D 217 16.04 2.23 -21.74
N LEU D 218 17.03 1.38 -21.97
CA LEU D 218 16.85 -0.07 -21.95
C LEU D 218 17.58 -0.67 -20.75
N HIS D 219 16.87 -1.51 -19.99
CA HIS D 219 17.47 -2.29 -18.93
C HIS D 219 16.87 -3.70 -18.94
N ARG D 220 17.60 -4.65 -18.36
CA ARG D 220 17.20 -6.05 -18.38
C ARG D 220 16.89 -6.55 -16.98
N PRO D 221 15.75 -7.20 -16.79
CA PRO D 221 15.40 -7.73 -15.46
C PRO D 221 16.23 -8.94 -15.12
N ASP D 222 16.23 -9.28 -13.84
CA ASP D 222 16.88 -10.47 -13.33
C ASP D 222 15.90 -11.22 -12.44
N VAL D 223 15.85 -12.53 -12.58
CA VAL D 223 14.84 -13.36 -11.93
C VAL D 223 15.44 -14.01 -10.70
N TYR D 224 14.82 -13.76 -9.55
CA TYR D 224 15.14 -14.44 -8.31
C TYR D 224 13.91 -15.23 -7.89
N LEU D 225 14.11 -16.52 -7.62
CA LEU D 225 13.01 -17.45 -7.40
C LEU D 225 13.06 -17.94 -5.97
N LEU D 226 11.92 -17.92 -5.28
CA LEU D 226 11.87 -18.14 -3.84
C LEU D 226 11.04 -19.36 -3.49
N PRO D 227 11.59 -20.32 -2.76
CA PRO D 227 10.79 -21.47 -2.30
C PRO D 227 9.80 -21.05 -1.23
N PRO D 228 8.84 -21.92 -0.90
CA PRO D 228 7.88 -21.57 0.16
C PRO D 228 8.51 -21.56 1.54
N ALA D 229 7.88 -20.82 2.45
CA ALA D 229 8.35 -20.74 3.82
C ALA D 229 8.01 -22.00 4.61
N ARG D 230 8.80 -22.26 5.64
CA ARG D 230 8.68 -23.50 6.39
C ARG D 230 7.34 -23.57 7.12
N GLU D 231 6.98 -22.51 7.84
CA GLU D 231 5.74 -22.53 8.61
C GLU D 231 4.51 -22.72 7.75
N GLN D 232 4.60 -22.44 6.44
CA GLN D 232 3.51 -22.80 5.55
C GLN D 232 3.50 -24.29 5.26
N LEU D 233 4.69 -24.88 5.07
CA LEU D 233 4.77 -26.31 4.81
C LEU D 233 4.27 -27.12 5.99
N ASN D 234 4.49 -26.62 7.21
CA ASN D 234 3.99 -27.30 8.39
C ASN D 234 2.47 -27.42 8.37
N LEU D 235 1.79 -26.45 7.76
CA LEU D 235 0.34 -26.49 7.70
C LEU D 235 -0.17 -27.66 6.86
N ARG D 236 0.62 -28.10 5.88
CA ARG D 236 0.27 -29.21 4.99
C ARG D 236 -1.05 -28.95 4.26
N GLU D 237 -1.20 -27.72 3.75
CA GLU D 237 -2.34 -27.38 2.92
C GLU D 237 -1.94 -26.93 1.52
N SER D 238 -0.97 -26.02 1.40
CA SER D 238 -0.56 -25.52 0.10
C SER D 238 0.80 -24.85 0.24
N ALA D 239 1.43 -24.59 -0.90
CA ALA D 239 2.66 -23.84 -0.98
C ALA D 239 2.55 -22.80 -2.08
N THR D 240 3.34 -21.73 -1.97
CA THR D 240 3.28 -20.61 -2.91
C THR D 240 4.69 -20.25 -3.35
N ILE D 241 5.08 -20.71 -4.52
CA ILE D 241 6.37 -20.39 -5.12
C ILE D 241 6.28 -19.00 -5.73
N THR D 242 7.32 -18.18 -5.53
CA THR D 242 7.32 -16.78 -5.93
C THR D 242 8.43 -16.51 -6.95
N CYS D 243 8.06 -15.90 -8.07
CA CYS D 243 9.00 -15.49 -9.11
C CYS D 243 9.11 -13.97 -9.05
N LEU D 244 10.34 -13.47 -8.97
CA LEU D 244 10.59 -12.06 -8.67
C LEU D 244 11.47 -11.44 -9.75
N VAL D 245 11.02 -10.33 -10.32
CA VAL D 245 11.78 -9.57 -11.30
C VAL D 245 12.00 -8.16 -10.76
N THR D 246 13.21 -7.62 -10.96
CA THR D 246 13.54 -6.32 -10.40
C THR D 246 14.47 -5.56 -11.33
N GLY D 247 14.29 -4.25 -11.38
CA GLY D 247 15.24 -3.37 -12.05
C GLY D 247 15.19 -3.38 -13.57
N PHE D 248 14.02 -3.55 -14.16
CA PHE D 248 13.89 -3.51 -15.61
C PHE D 248 13.29 -2.19 -16.07
N SER D 249 13.56 -1.85 -17.32
CA SER D 249 13.00 -0.65 -17.94
C SER D 249 13.00 -0.80 -19.46
N PRO D 250 11.90 -0.48 -20.13
CA PRO D 250 10.63 0.05 -19.63
C PRO D 250 9.71 -1.03 -19.06
N ALA D 251 8.42 -0.74 -18.96
CA ALA D 251 7.44 -1.67 -18.40
C ALA D 251 7.07 -2.74 -19.43
N ASP D 252 5.93 -3.41 -19.19
CA ASP D 252 5.38 -4.42 -20.10
C ASP D 252 6.33 -5.61 -20.25
N VAL D 253 6.49 -6.34 -19.15
CA VAL D 253 7.15 -7.62 -19.15
C VAL D 253 6.09 -8.71 -19.29
N PHE D 254 6.51 -9.91 -19.69
CA PHE D 254 5.59 -11.02 -19.93
C PHE D 254 6.18 -12.27 -19.31
N VAL D 255 5.43 -12.91 -18.42
CA VAL D 255 5.92 -14.06 -17.64
C VAL D 255 4.86 -15.14 -17.60
N GLN D 256 5.29 -16.40 -17.70
CA GLN D 256 4.38 -17.53 -17.60
C GLN D 256 5.12 -18.72 -17.02
N TRP D 257 4.39 -19.57 -16.31
CA TRP D 257 4.95 -20.75 -15.66
C TRP D 257 4.86 -21.96 -16.58
N MET D 258 5.66 -22.98 -16.27
CA MET D 258 5.76 -24.17 -17.10
C MET D 258 6.48 -25.30 -16.39
N GLN D 259 5.91 -26.50 -16.37
CA GLN D 259 6.57 -27.67 -15.80
C GLN D 259 6.42 -28.86 -16.73
N ARG D 260 7.44 -29.72 -16.75
CA ARG D 260 7.51 -30.90 -17.60
C ARG D 260 7.43 -30.56 -19.09
N GLY D 261 7.50 -29.29 -19.45
CA GLY D 261 7.37 -28.85 -20.82
C GLY D 261 5.98 -28.38 -21.22
N GLN D 262 4.94 -28.81 -20.51
CA GLN D 262 3.75 -28.18 -21.06
C GLN D 262 3.28 -27.06 -20.14
N PRO D 263 2.77 -25.97 -20.69
CA PRO D 263 2.39 -24.83 -19.84
C PRO D 263 1.23 -25.13 -18.93
N LEU D 264 1.22 -24.45 -17.79
CA LEU D 264 0.09 -24.52 -16.88
C LEU D 264 -1.03 -23.60 -17.35
N SER D 265 -2.24 -23.90 -16.90
CA SER D 265 -3.39 -23.13 -17.33
C SER D 265 -3.28 -21.69 -16.81
N PRO D 266 -3.72 -20.70 -17.59
CA PRO D 266 -3.58 -19.31 -17.16
C PRO D 266 -4.47 -18.96 -15.97
N GLU D 267 -5.18 -19.95 -15.44
CA GLU D 267 -6.01 -19.76 -14.26
C GLU D 267 -5.35 -20.31 -13.00
N LYS D 268 -4.02 -20.46 -13.02
CA LYS D 268 -3.30 -21.02 -11.87
C LYS D 268 -2.33 -20.05 -11.23
N TYR D 269 -1.95 -18.97 -11.90
CA TYR D 269 -1.00 -18.00 -11.36
C TYR D 269 -1.54 -16.59 -11.55
N VAL D 270 -1.09 -15.68 -10.69
CA VAL D 270 -1.51 -14.28 -10.70
C VAL D 270 -0.27 -13.40 -10.81
N THR D 271 -0.26 -12.49 -11.78
CA THR D 271 0.85 -11.58 -12.00
C THR D 271 0.40 -10.14 -11.82
N SER D 272 1.17 -9.38 -11.04
CA SER D 272 0.84 -8.00 -10.73
C SER D 272 1.40 -7.07 -11.79
N ALA D 273 0.87 -5.85 -11.83
CA ALA D 273 1.32 -4.84 -12.78
C ALA D 273 2.64 -4.22 -12.31
N PRO D 274 3.43 -3.70 -13.24
CA PRO D 274 4.68 -3.04 -12.83
C PRO D 274 4.41 -1.84 -11.93
N MET D 275 5.30 -1.63 -10.97
CA MET D 275 5.22 -0.52 -10.04
C MET D 275 6.60 0.11 -9.89
N PRO D 276 6.67 1.41 -9.61
CA PRO D 276 7.97 2.08 -9.54
C PRO D 276 8.79 1.61 -8.34
N GLU D 277 10.11 1.65 -8.50
CA GLU D 277 11.05 1.28 -7.46
C GLU D 277 11.34 2.48 -6.56
N PRO D 278 11.30 2.32 -5.23
CA PRO D 278 11.38 3.50 -4.36
C PRO D 278 12.73 4.20 -4.35
N GLN D 279 13.81 3.54 -4.75
CA GLN D 279 15.15 4.11 -4.64
C GLN D 279 15.67 4.67 -5.95
N ALA D 280 15.61 3.90 -7.02
CA ALA D 280 16.18 4.26 -8.31
C ALA D 280 15.22 5.18 -9.06
N PRO D 281 15.60 5.63 -10.27
CA PRO D 281 14.63 6.29 -11.14
C PRO D 281 13.59 5.30 -11.66
N GLY D 282 12.77 5.70 -12.63
CA GLY D 282 11.56 4.98 -12.92
C GLY D 282 11.75 3.58 -13.48
N ARG D 283 12.44 2.75 -12.71
CA ARG D 283 12.53 1.31 -12.95
C ARG D 283 11.52 0.60 -12.06
N TYR D 284 11.17 -0.63 -12.45
CA TYR D 284 10.00 -1.29 -11.89
C TYR D 284 10.34 -2.69 -11.39
N PHE D 285 9.34 -3.33 -10.78
CA PHE D 285 9.43 -4.69 -10.30
C PHE D 285 8.05 -5.32 -10.33
N ALA D 286 8.01 -6.64 -10.47
CA ALA D 286 6.74 -7.36 -10.55
C ALA D 286 6.87 -8.71 -9.86
N HIS D 287 5.74 -9.25 -9.42
CA HIS D 287 5.69 -10.49 -8.67
C HIS D 287 4.64 -11.43 -9.25
N SER D 288 4.99 -12.71 -9.38
CA SER D 288 4.07 -13.74 -9.85
C SER D 288 4.15 -14.92 -8.91
N ILE D 289 3.02 -15.41 -8.44
CA ILE D 289 2.96 -16.50 -7.48
C ILE D 289 2.12 -17.64 -8.05
N LEU D 290 2.54 -18.87 -7.77
CA LEU D 290 1.82 -20.06 -8.18
C LEU D 290 1.51 -20.90 -6.95
N THR D 291 0.27 -21.35 -6.82
CA THR D 291 -0.17 -22.10 -5.65
C THR D 291 -0.33 -23.57 -6.02
N VAL D 292 0.48 -24.42 -5.41
CA VAL D 292 0.46 -25.86 -5.66
C VAL D 292 -0.01 -26.57 -4.42
N SER D 293 -0.45 -27.82 -4.59
CA SER D 293 -0.78 -28.66 -3.46
C SER D 293 0.50 -29.14 -2.79
N GLU D 294 0.49 -29.22 -1.47
CA GLU D 294 1.72 -29.51 -0.74
C GLU D 294 2.22 -30.93 -1.01
N GLU D 295 1.31 -31.85 -1.34
CA GLU D 295 1.73 -33.22 -1.62
C GLU D 295 2.57 -33.31 -2.88
N GLU D 296 2.28 -32.47 -3.89
CA GLU D 296 3.07 -32.49 -5.11
C GLU D 296 4.47 -31.96 -4.88
N TRP D 297 4.64 -31.05 -3.93
CA TRP D 297 5.93 -30.39 -3.73
C TRP D 297 6.97 -31.32 -3.13
N ASN D 298 6.54 -32.40 -2.45
CA ASN D 298 7.45 -33.30 -1.76
C ASN D 298 7.91 -34.46 -2.62
N THR D 299 7.96 -34.29 -3.93
CA THR D 299 8.35 -35.36 -4.84
C THR D 299 9.42 -34.95 -5.84
N GLY D 300 9.40 -33.71 -6.32
CA GLY D 300 10.21 -33.32 -7.46
C GLY D 300 9.64 -32.08 -8.12
N GLU D 301 9.34 -32.16 -9.42
CA GLU D 301 8.53 -31.16 -10.09
C GLU D 301 9.17 -29.77 -10.04
N THR D 302 10.21 -29.62 -10.86
CA THR D 302 10.99 -28.40 -11.01
C THR D 302 10.22 -27.06 -10.95
N TYR D 303 9.12 -26.93 -11.69
CA TYR D 303 8.37 -25.66 -11.81
C TYR D 303 9.26 -24.51 -12.28
N THR D 304 9.71 -24.60 -13.53
CA THR D 304 10.48 -23.52 -14.13
C THR D 304 9.61 -22.27 -14.31
N CYS D 305 10.24 -21.10 -14.22
CA CYS D 305 9.59 -19.81 -14.40
C CYS D 305 10.20 -19.12 -15.61
N VAL D 306 9.36 -18.77 -16.59
CA VAL D 306 9.82 -18.23 -17.87
C VAL D 306 9.38 -16.78 -18.00
N VAL D 307 10.34 -15.89 -18.19
CA VAL D 307 10.05 -14.47 -18.41
C VAL D 307 10.33 -14.15 -19.88
N ALA D 308 9.93 -12.95 -20.28
CA ALA D 308 10.15 -12.49 -21.66
C ALA D 308 10.10 -10.97 -21.69
N HIS D 309 11.23 -10.35 -22.02
CA HIS D 309 11.34 -8.90 -22.02
C HIS D 309 11.88 -8.44 -23.37
N GLU D 310 12.20 -7.14 -23.46
CA GLU D 310 12.64 -6.53 -24.71
C GLU D 310 14.17 -6.39 -24.75
N ALA D 311 14.74 -5.71 -23.75
CA ALA D 311 16.18 -5.51 -23.71
C ALA D 311 16.93 -6.80 -23.43
N LEU D 312 16.25 -7.83 -22.96
CA LEU D 312 16.88 -9.11 -22.70
C LEU D 312 17.41 -9.68 -24.02
N PRO D 313 18.63 -10.24 -24.04
CA PRO D 313 19.25 -10.61 -25.32
C PRO D 313 18.44 -11.61 -26.14
N ASN D 314 18.18 -12.78 -25.58
CA ASN D 314 17.43 -13.82 -26.31
C ASN D 314 15.94 -13.78 -26.03
N ARG D 315 15.46 -12.84 -25.21
CA ARG D 315 14.08 -12.61 -24.85
C ARG D 315 13.45 -13.71 -24.01
N VAL D 316 14.21 -14.73 -23.60
CA VAL D 316 13.71 -15.77 -22.71
C VAL D 316 14.81 -16.17 -21.73
N THR D 317 14.45 -16.30 -20.46
CA THR D 317 15.31 -16.88 -19.44
C THR D 317 14.49 -17.77 -18.53
N GLU D 318 15.14 -18.75 -17.92
CA GLU D 318 14.49 -19.72 -17.07
C GLU D 318 15.16 -19.80 -15.72
N ARG D 319 14.39 -20.18 -14.69
CA ARG D 319 14.91 -20.45 -13.37
C ARG D 319 14.26 -21.73 -12.87
N THR D 320 14.90 -22.40 -11.91
CA THR D 320 14.43 -23.71 -11.47
C THR D 320 14.80 -23.98 -10.02
N VAL D 321 13.80 -24.33 -9.21
CA VAL D 321 14.03 -24.86 -7.86
C VAL D 321 13.04 -26.00 -7.63
N ASP D 322 13.52 -27.13 -7.11
CA ASP D 322 12.66 -28.29 -6.90
C ASP D 322 12.48 -28.62 -5.42
N LYS D 323 13.55 -29.02 -4.72
CA LYS D 323 13.43 -29.21 -3.28
C LYS D 323 14.70 -28.92 -2.51
N SER D 324 15.79 -28.47 -3.14
CA SER D 324 17.09 -28.36 -2.49
C SER D 324 17.60 -26.93 -2.67
N THR D 325 17.18 -26.04 -1.78
CA THR D 325 17.59 -24.65 -1.81
C THR D 325 17.87 -24.10 -0.41
N GLU D 326 18.29 -24.97 0.51
CA GLU D 326 18.52 -24.53 1.88
C GLU D 326 19.62 -23.48 1.97
N GLY D 327 20.72 -23.69 1.24
CA GLY D 327 21.72 -22.65 1.08
C GLY D 327 22.56 -22.29 2.28
N GLU D 328 23.46 -23.19 2.69
CA GLU D 328 24.49 -22.89 3.69
C GLU D 328 23.87 -22.42 5.00
N VAL D 329 23.20 -23.37 5.67
CA VAL D 329 22.51 -23.07 6.92
C VAL D 329 23.50 -22.50 7.95
N SER D 330 24.73 -23.02 7.95
CA SER D 330 25.79 -22.52 8.82
C SER D 330 27.10 -23.20 8.41
N ALA D 331 28.18 -22.73 9.01
CA ALA D 331 29.50 -23.27 8.69
C ALA D 331 30.02 -24.26 9.73
N ASP D 332 29.31 -24.45 10.84
CA ASP D 332 29.77 -25.33 11.91
C ASP D 332 28.87 -26.52 12.17
N GLU D 333 27.60 -26.48 11.74
CA GLU D 333 26.70 -27.60 11.97
C GLU D 333 27.21 -28.86 11.27
N GLU D 334 27.67 -28.72 10.03
CA GLU D 334 28.17 -29.86 9.28
C GLU D 334 29.44 -30.42 9.91
N GLY D 335 30.32 -29.56 10.43
CA GLY D 335 31.49 -30.06 11.13
C GLY D 335 31.14 -30.79 12.41
N PHE D 336 30.16 -30.27 13.16
CA PHE D 336 29.68 -30.94 14.35
C PHE D 336 29.17 -32.34 14.03
N GLU D 337 28.29 -32.45 13.04
CA GLU D 337 27.74 -33.76 12.67
C GLU D 337 28.83 -34.67 12.11
N ASN D 338 29.79 -34.14 11.36
CA ASN D 338 30.89 -34.95 10.84
C ASN D 338 31.71 -35.54 11.99
N LEU D 339 32.01 -34.72 12.99
CA LEU D 339 32.78 -35.21 14.13
C LEU D 339 32.01 -36.31 14.87
N TRP D 340 30.71 -36.12 15.05
CA TRP D 340 29.92 -37.17 15.70
C TRP D 340 29.93 -38.44 14.87
N ALA D 341 29.86 -38.32 13.54
CA ALA D 341 29.88 -39.49 12.68
C ALA D 341 31.20 -40.25 12.80
N THR D 342 32.32 -39.52 12.84
CA THR D 342 33.61 -40.18 13.00
C THR D 342 33.69 -40.93 14.33
N ALA D 343 33.24 -40.29 15.41
CA ALA D 343 33.27 -40.97 16.70
C ALA D 343 32.39 -42.21 16.71
N SER D 344 31.18 -42.11 16.14
CA SER D 344 30.27 -43.24 16.11
C SER D 344 30.84 -44.39 15.29
N THR D 345 31.47 -44.07 14.15
CA THR D 345 32.13 -45.11 13.36
C THR D 345 33.22 -45.80 14.16
N PHE D 346 34.07 -45.01 14.84
CA PHE D 346 35.23 -45.60 15.49
C PHE D 346 34.84 -46.43 16.70
N ILE D 347 33.71 -46.14 17.35
CA ILE D 347 33.26 -46.99 18.45
C ILE D 347 33.08 -48.43 17.97
N VAL D 348 32.20 -48.62 17.00
CA VAL D 348 31.88 -49.96 16.52
C VAL D 348 33.08 -50.58 15.80
N LEU D 349 33.94 -49.75 15.21
CA LEU D 349 35.13 -50.30 14.57
C LEU D 349 36.14 -50.79 15.61
N PHE D 350 36.17 -50.14 16.78
CA PHE D 350 37.07 -50.56 17.85
C PHE D 350 36.60 -51.86 18.49
N LEU D 351 35.29 -52.00 18.71
CA LEU D 351 34.80 -53.22 19.39
C LEU D 351 35.18 -54.49 18.64
N LEU D 352 35.23 -54.45 17.30
CA LEU D 352 35.56 -55.63 16.51
C LEU D 352 36.96 -56.14 16.85
N SER D 353 37.91 -55.23 17.03
CA SER D 353 39.27 -55.65 17.32
C SER D 353 39.36 -56.42 18.63
N LEU D 354 38.71 -55.92 19.69
CA LEU D 354 38.72 -56.64 20.96
C LEU D 354 38.06 -58.01 20.82
N PHE D 355 36.89 -58.07 20.20
CA PHE D 355 36.23 -59.36 20.09
C PHE D 355 37.08 -60.35 19.30
N TYR D 356 37.64 -59.91 18.19
CA TYR D 356 38.43 -60.77 17.32
C TYR D 356 39.68 -61.26 18.05
N SER D 357 40.39 -60.36 18.73
CA SER D 357 41.60 -60.74 19.44
C SER D 357 41.29 -61.75 20.55
N THR D 358 40.27 -61.48 21.35
CA THR D 358 39.94 -62.39 22.45
C THR D 358 39.53 -63.76 21.93
N THR D 359 38.67 -63.80 20.91
CA THR D 359 38.23 -65.09 20.39
C THR D 359 39.36 -65.85 19.74
N VAL D 360 40.27 -65.15 19.05
CA VAL D 360 41.38 -65.83 18.40
C VAL D 360 42.35 -66.39 19.43
N THR D 361 42.61 -65.63 20.51
CA THR D 361 43.43 -66.17 21.59
C THR D 361 42.78 -67.41 22.20
N LEU D 362 41.46 -67.35 22.45
CA LEU D 362 40.79 -68.48 23.08
C LEU D 362 40.80 -69.70 22.18
N PHE D 363 40.65 -69.51 20.87
CA PHE D 363 40.49 -70.59 19.90
C PHE D 363 41.82 -71.16 19.41
N LYS D 364 42.94 -70.57 19.82
CA LYS D 364 44.28 -70.92 19.32
C LYS D 364 44.54 -72.43 19.29
C1 NAG E . 3.04 17.76 -13.46
C2 NAG E . 2.25 16.56 -13.97
C3 NAG E . 1.04 16.30 -13.08
C4 NAG E . 1.47 16.21 -11.61
C5 NAG E . 2.30 17.42 -11.22
C6 NAG E . 2.87 17.31 -9.82
C7 NAG E . 2.08 15.88 -16.33
C8 NAG E . 2.84 14.65 -15.93
N2 NAG E . 1.83 16.76 -15.35
O3 NAG E . 0.40 15.11 -13.49
O4 NAG E . 0.32 16.16 -10.77
O5 NAG E . 3.43 17.55 -12.11
O6 NAG E . 2.91 15.97 -9.37
O7 NAG E . 1.72 16.08 -17.48
C1 NAG E . 0.08 14.79 -10.42
C2 NAG E . -0.41 14.71 -8.97
C3 NAG E . -0.74 13.27 -8.61
C4 NAG E . -1.67 12.64 -9.64
C5 NAG E . -1.15 12.85 -11.06
C6 NAG E . -2.11 12.39 -12.12
C7 NAG E . 0.31 16.04 -7.03
C8 NAG E . -1.13 16.39 -6.85
N2 NAG E . 0.60 15.24 -8.07
O3 NAG E . -1.35 13.24 -7.33
O4 NAG E . -1.75 11.24 -9.40
O5 NAG E . -0.91 14.24 -11.28
O6 NAG E . -2.25 10.98 -12.13
O7 NAG E . 1.19 16.47 -6.28
C1 BMA E . -3.09 10.89 -8.99
C2 BMA E . -3.25 9.37 -9.27
C3 BMA E . -4.09 8.69 -8.20
C4 BMA E . -3.53 8.91 -6.79
C5 BMA E . -2.89 10.29 -6.58
C6 BMA E . -1.36 10.25 -6.47
O2 BMA E . -2.00 8.73 -9.29
O3 BMA E . -4.14 7.30 -8.45
O4 BMA E . -4.60 8.78 -5.86
O5 BMA E . -3.30 11.24 -7.61
O6 BMA E . -0.91 8.99 -6.96
C1 MAN E . -5.46 6.95 -8.90
C2 MAN E . -6.05 5.92 -7.86
C3 MAN E . -6.16 4.44 -8.37
C4 MAN E . -6.20 4.33 -9.89
C5 MAN E . -5.04 5.13 -10.44
C6 MAN E . -4.80 4.88 -11.91
O2 MAN E . -7.35 6.31 -7.38
O3 MAN E . -7.27 3.75 -7.82
O4 MAN E . -6.07 2.97 -10.28
O5 MAN E . -5.40 6.49 -10.27
O6 MAN E . -5.97 5.25 -12.63
C1 NAG E . -7.30 6.48 -5.95
C2 NAG E . -8.20 5.42 -5.30
C3 NAG E . -8.09 5.46 -3.78
C4 NAG E . -6.63 5.40 -3.34
C5 NAG E . -5.84 6.50 -4.02
C6 NAG E . -4.37 6.47 -3.69
C7 NAG E . -10.06 5.19 -6.89
C8 NAG E . -11.52 5.47 -7.14
N2 NAG E . -9.58 5.60 -5.71
O3 NAG E . -8.81 4.37 -3.22
O4 NAG E . -6.53 5.55 -1.94
O5 NAG E . -5.96 6.35 -5.45
O6 NAG E . -3.92 7.72 -3.20
O7 NAG E . -9.36 4.64 -7.72
C1 NAG F . -22.74 0.82 -24.12
C2 NAG F . -21.71 1.78 -23.56
C3 NAG F . -20.32 1.21 -23.81
C4 NAG F . -20.21 -0.23 -23.33
C5 NAG F . -21.43 -1.08 -23.72
C6 NAG F . -21.50 -2.41 -23.02
C7 NAG F . -22.19 4.18 -23.44
C8 NAG F . -22.28 5.46 -24.22
N2 NAG F . -21.84 3.09 -24.15
O3 NAG F . -19.36 2.02 -23.14
O4 NAG F . -19.09 -0.85 -23.95
O5 NAG F . -22.67 -0.41 -23.44
O6 NAG F . -22.52 -3.24 -23.55
O7 NAG F . -22.41 4.11 -22.24
C1 NAG F . -17.78 -0.67 -23.36
C2 NAG F . -16.79 -0.80 -24.51
C3 NAG F . -15.36 -0.59 -24.01
C4 NAG F . -15.25 0.74 -23.27
C5 NAG F . -16.28 0.80 -22.15
C6 NAG F . -16.30 2.13 -21.44
C7 NAG F . -16.63 -2.30 -26.44
C8 NAG F . -16.82 -3.70 -26.94
N2 NAG F . -16.92 -2.10 -25.16
O3 NAG F . -14.47 -0.61 -25.11
O4 NAG F . -13.93 0.87 -22.72
O5 NAG F . -17.59 0.61 -22.70
O6 NAG F . -16.46 3.20 -22.35
O7 NAG F . -16.21 -1.40 -27.17
C1 BMA F . -13.20 1.89 -23.44
C2 BMA F . -12.53 2.83 -22.39
C3 BMA F . -11.07 2.46 -22.17
C4 BMA F . -10.85 0.96 -22.31
C5 BMA F . -11.16 0.52 -23.76
C6 BMA F . -11.55 -0.96 -23.87
O2 BMA F . -13.17 2.73 -21.13
O3 BMA F . -10.63 2.89 -20.88
O4 BMA F . -9.51 0.62 -21.99
O5 BMA F . -12.23 1.33 -24.34
O6 BMA F . -10.69 -1.71 -23.02
C1 MAN F . -9.70 3.98 -21.03
C2 MAN F . -8.88 4.07 -19.72
C3 MAN F . -9.76 4.58 -18.57
C4 MAN F . -10.46 5.88 -18.97
C5 MAN F . -11.28 5.64 -20.24
C6 MAN F . -11.97 6.90 -20.73
O2 MAN F . -7.81 5.02 -19.84
O3 MAN F . -9.01 4.77 -17.37
O4 MAN F . -11.31 6.30 -17.92
O5 MAN F . -10.41 5.20 -21.29
O6 MAN F . -10.97 7.77 -21.26
C1 NAG G . 9.87 7.48 19.45
C2 NAG G . 8.66 8.32 18.99
C3 NAG G . 9.00 9.81 19.08
C4 NAG G . 9.52 10.16 20.47
C5 NAG G . 10.67 9.25 20.85
C6 NAG G . 11.17 9.47 22.26
C7 NAG G . 7.05 8.21 17.15
C8 NAG G . 6.82 7.78 15.73
N2 NAG G . 8.27 7.96 17.64
O3 NAG G . 7.85 10.58 18.77
O4 NAG G . 9.96 11.52 20.49
O5 NAG G . 10.26 7.88 20.76
O6 NAG G . 12.11 8.48 22.63
O7 NAG G . 6.18 8.76 17.81
C1 NAG H . 6.70 1.63 47.66
C2 NAG H . 6.80 2.00 49.13
C3 NAG H . 6.94 3.51 49.29
C4 NAG H . 8.11 4.02 48.48
C5 NAG H . 7.98 3.58 47.03
C6 NAG H . 9.18 3.96 46.18
C7 NAG H . 5.73 0.66 50.90
C8 NAG H . 4.44 0.25 51.54
N2 NAG H . 5.64 1.51 49.87
O3 NAG H . 7.13 3.83 50.67
O4 NAG H . 8.17 5.44 48.54
O5 NAG H . 7.84 2.16 46.95
O6 NAG H . 8.81 4.18 44.83
O7 NAG H . 6.82 0.22 51.28
C1 NAG I . -10.23 0.40 38.28
C2 NAG I . -11.41 1.25 38.72
C3 NAG I . -12.69 0.78 38.03
C4 NAG I . -12.49 0.75 36.53
C5 NAG I . -11.26 -0.08 36.17
C6 NAG I . -10.92 -0.02 34.69
C7 NAG I . -11.44 2.30 40.94
C8 NAG I . -11.63 2.11 42.41
N2 NAG I . -11.56 1.22 40.17
O3 NAG I . -13.76 1.66 38.37
O4 NAG I . -13.64 0.18 35.90
O5 NAG I . -10.11 0.44 36.86
O6 NAG I . -9.63 0.53 34.49
O7 NAG I . -11.18 3.41 40.47
C1 NAG J . -5.53 -21.00 20.39
C2 NAG J . -5.51 -21.00 18.85
C3 NAG J . -6.00 -19.66 18.32
C4 NAG J . -7.35 -19.32 18.91
C5 NAG J . -7.29 -19.37 20.43
C6 NAG J . -8.64 -19.15 21.08
C7 NAG J . -3.94 -22.22 17.41
C8 NAG J . -2.51 -22.39 17.01
N2 NAG J . -4.17 -21.30 18.35
O3 NAG J . -6.08 -19.72 16.90
O4 NAG J . -7.75 -18.01 18.50
O5 NAG J . -6.84 -20.66 20.85
O6 NAG J . -9.26 -20.38 21.43
O7 NAG J . -4.84 -22.87 16.90
C1 NAG K . -0.32 -13.33 47.58
C2 NAG K . 0.77 -14.41 47.63
C3 NAG K . 1.25 -14.60 49.07
C4 NAG K . 1.64 -13.28 49.69
C5 NAG K . 0.53 -12.25 49.54
C6 NAG K . 0.90 -10.87 50.03
C7 NAG K . 0.81 -16.15 45.91
C8 NAG K . 0.22 -17.46 45.46
N2 NAG K . 0.32 -15.65 47.05
O3 NAG K . 2.35 -15.50 49.07
O4 NAG K . 1.92 -13.46 51.08
O5 NAG K . 0.18 -12.12 48.15
O6 NAG K . -0.25 -10.10 50.34
O7 NAG K . 1.69 -15.57 45.27
C1 NAG L . -9.02 14.97 39.94
C2 NAG L . -8.81 16.36 40.54
C3 NAG L . -9.61 17.39 39.76
C4 NAG L . -9.28 17.31 38.27
C5 NAG L . -9.46 15.88 37.77
C6 NAG L . -9.03 15.71 36.33
C7 NAG L . -8.28 16.22 42.93
C8 NAG L . -8.83 16.27 44.32
N2 NAG L . -9.17 16.38 41.95
O3 NAG L . -9.31 18.69 40.26
O4 NAG L . -10.15 18.18 37.54
O5 NAG L . -8.65 14.98 38.55
O6 NAG L . -9.93 14.88 35.61
O7 NAG L . -7.09 16.03 42.71
C1 NAG M . -12.65 40.43 -28.40
C2 NAG M . -11.29 40.24 -29.06
C3 NAG M . -10.24 39.89 -28.03
C4 NAG M . -10.23 40.91 -26.91
C5 NAG M . -11.63 41.08 -26.33
C6 NAG M . -11.72 42.18 -25.30
C7 NAG M . -11.61 39.50 -31.39
C8 NAG M . -11.63 38.33 -32.32
N2 NAG M . -11.35 39.23 -30.10
O3 NAG M . -8.96 39.83 -28.65
O4 NAG M . -9.34 40.50 -25.88
O5 NAG M . -12.56 41.42 -27.38
O6 NAG M . -11.07 41.82 -24.09
O7 NAG M . -11.81 40.65 -31.78
C1 NAG N . -6.58 22.03 5.86
C2 NAG N . -6.90 23.45 6.38
C3 NAG N . -6.32 23.65 7.77
C4 NAG N . -6.79 22.56 8.72
C5 NAG N . -6.39 21.20 8.15
C6 NAG N . -6.90 20.05 8.98
C7 NAG N . -6.93 25.69 5.36
C8 NAG N . -6.27 26.60 4.37
N2 NAG N . -6.40 24.47 5.48
O3 NAG N . -6.71 24.92 8.28
O4 NAG N . -6.19 22.72 10.00
O5 NAG N . -6.97 21.05 6.85
O6 NAG N . -8.24 19.72 8.64
O7 NAG N . -7.91 26.02 6.00
C1 NAG O . 24.95 9.69 14.22
C2 NAG O . 26.07 9.24 13.29
C3 NAG O . 26.10 10.11 12.03
C4 NAG O . 24.73 10.13 11.37
C5 NAG O . 23.66 10.54 12.38
C6 NAG O . 22.26 10.48 11.82
C7 NAG O . 28.16 8.21 14.09
C8 NAG O . 29.44 8.43 14.82
N2 NAG O . 27.36 9.28 13.96
O3 NAG O . 27.07 9.59 11.13
O4 NAG O . 24.73 11.04 10.29
O5 NAG O . 23.69 9.66 13.52
O6 NAG O . 21.61 11.74 11.93
O7 NAG O . 27.84 7.11 13.64
C1 NAG P . 32.63 10.26 29.17
C2 NAG P . 34.10 10.28 28.72
C3 NAG P . 34.77 11.61 29.07
C4 NAG P . 34.67 11.90 30.56
C5 NAG P . 33.31 11.46 31.11
C6 NAG P . 32.73 12.45 32.10
C7 NAG P . 35.56 8.31 28.55
C8 NAG P . 35.57 8.57 27.07
N2 NAG P . 34.83 9.16 29.28
O3 NAG P . 34.16 12.67 28.33
O4 NAG P . 35.69 11.21 31.26
O5 NAG P . 32.38 11.38 30.03
O6 NAG P . 32.92 13.79 31.66
O7 NAG P . 36.17 7.38 29.04
C1 NAG Q . -40.88 26.75 -17.92
C2 NAG Q . -41.95 26.32 -18.92
C3 NAG Q . -43.02 25.48 -18.22
C4 NAG Q . -42.38 24.32 -17.48
C5 NAG Q . -41.29 24.83 -16.53
C6 NAG Q . -40.53 23.71 -15.86
C7 NAG Q . -43.11 27.40 -20.80
C8 NAG Q . -43.67 28.69 -21.33
N2 NAG Q . -42.55 27.47 -19.58
O3 NAG Q . -43.94 25.00 -19.18
O4 NAG Q . -43.36 23.63 -16.73
O5 NAG Q . -40.32 25.60 -17.27
O6 NAG Q . -39.57 24.22 -14.94
O7 NAG Q . -43.15 26.36 -21.44
C1 NAG R . -14.14 -13.02 -36.26
C2 NAG R . -12.87 -13.82 -36.03
C3 NAG R . -13.16 -15.31 -36.02
C4 NAG R . -14.29 -15.63 -35.04
C5 NAG R . -15.50 -14.75 -35.33
C6 NAG R . -16.61 -14.93 -34.32
C7 NAG R . -10.72 -12.86 -36.78
C8 NAG R . -9.82 -12.63 -37.95
N2 NAG R . -11.86 -13.51 -37.04
O3 NAG R . -11.99 -16.03 -35.66
O4 NAG R . -14.66 -17.00 -35.15
O5 NAG R . -15.12 -13.38 -35.29
O6 NAG R . -17.69 -14.03 -34.57
O7 NAG R . -10.45 -12.48 -35.65
#